data_6HSK
#
_entry.id   6HSK
#
_cell.length_a   106.390
_cell.length_b   106.390
_cell.length_c   82.030
_cell.angle_alpha   90.00
_cell.angle_beta   90.00
_cell.angle_gamma   120.00
#
_symmetry.space_group_name_H-M   'P 32'
#
loop_
_entity.id
_entity.type
_entity.pdbx_description
1 polymer 'Histone deacetylase 8'
2 non-polymer 'ZINC ION'
3 non-polymer 'POTASSIUM ION'
4 non-polymer 2-[4-[[(1-methylindol-3-yl)methylamino]methyl]piperidin-1-yl]-~{N}-oxidanyl-pyrimidine-5-carboxamide
5 water water
#
_entity_poly.entity_id   1
_entity_poly.type   'polypeptide(L)'
_entity_poly.pdbx_seq_one_letter_code
;GSHMEEPEEPADSGQSLVPVYIYSPEYVSMCDSLAKIPKRASMVHSLIEAYALHKQMRIVKPKVASMEEMATFHTDAYLQ
HLQKVSQEGDDDHPDSIEYGLGYDCPATEGIFDYAAAIGGATITAAQCLIDGMCKVAINWSGGWHHAKKDEASGFCYLND
AVLGILRLRRKFERILYVDLDLHHGDGVEDAFSFTSKVMTVSLHKFSPGFFPGTGDVSDVGLGKGRYYSVNVPIQDGIQD
EKYYQICESVLKEVYQAFNPKAVVLQLGADTISGDRLGCFNMTPVGIGKCLKYILQWQLATLILGGGGYNLANTARCWTY
LTGVILGKTLSSEIPDHEFFTAYGPDYVLEITPSCRPDRNEPHRIQQILNYIKGNLKHVV
;
_entity_poly.pdbx_strand_id   A,B
#
# COMPACT_ATOMS: atom_id res chain seq x y z
N LEU A 17 19.63 -15.24 30.38
CA LEU A 17 18.43 -15.85 29.82
C LEU A 17 17.61 -14.86 29.00
N VAL A 18 17.72 -13.58 29.32
CA VAL A 18 16.95 -12.54 28.60
C VAL A 18 17.43 -12.46 27.16
N PRO A 19 16.54 -12.48 26.17
CA PRO A 19 17.02 -12.43 24.78
C PRO A 19 17.60 -11.09 24.39
N VAL A 20 18.62 -11.13 23.53
CA VAL A 20 19.21 -9.91 22.99
C VAL A 20 18.37 -9.42 21.81
N TYR A 21 18.08 -8.13 21.80
CA TYR A 21 17.31 -7.47 20.75
C TYR A 21 18.24 -6.48 20.06
N ILE A 22 18.59 -6.76 18.80
CA ILE A 22 19.50 -5.88 18.08
C ILE A 22 18.74 -4.67 17.59
N TYR A 23 19.13 -3.48 18.07
CA TYR A 23 18.37 -2.29 17.70
C TYR A 23 19.20 -1.04 17.96
N SER A 24 19.05 -0.06 17.09
CA SER A 24 19.40 1.32 17.36
C SER A 24 18.56 2.18 16.42
N PRO A 25 18.37 3.47 16.75
CA PRO A 25 17.57 4.31 15.85
C PRO A 25 18.24 4.49 14.51
N GLU A 26 19.57 4.59 14.50
CA GLU A 26 20.33 4.72 13.28
C GLU A 26 20.14 3.49 12.41
N TYR A 27 20.16 2.30 13.03
CA TYR A 27 20.00 1.08 12.28
C TYR A 27 18.60 1.01 11.65
N VAL A 28 17.56 1.31 12.44
CA VAL A 28 16.20 1.25 11.91
C VAL A 28 16.03 2.26 10.78
N SER A 29 16.60 3.45 10.95
CA SER A 29 16.48 4.48 9.94
C SER A 29 17.08 4.03 8.62
N MET A 30 18.23 3.35 8.66
CA MET A 30 18.85 2.84 7.44
C MET A 30 18.00 1.76 6.80
N CYS A 31 17.55 0.80 7.61
CA CYS A 31 16.78 -0.30 7.06
C CYS A 31 15.47 0.18 6.46
N ASP A 32 14.91 1.28 6.99
CA ASP A 32 13.67 1.86 6.47
C ASP A 32 13.78 2.28 5.00
N SER A 33 14.99 2.48 4.49
CA SER A 33 15.19 2.95 3.12
C SER A 33 15.31 1.82 2.10
N LEU A 34 15.23 0.56 2.51
CA LEU A 34 15.33 -0.52 1.54
C LEU A 34 14.13 -0.51 0.61
N ALA A 35 14.38 -0.80 -0.66
CA ALA A 35 13.46 -0.40 -1.74
C ALA A 35 12.08 -1.03 -1.58
N LYS A 36 12.03 -2.35 -1.38
CA LYS A 36 10.77 -3.07 -1.45
C LYS A 36 10.00 -3.04 -0.14
N ILE A 37 10.57 -2.51 0.94
CA ILE A 37 9.93 -2.56 2.24
C ILE A 37 10.03 -1.21 2.93
N PRO A 38 9.56 -0.13 2.30
CA PRO A 38 9.70 1.20 2.91
C PRO A 38 9.09 1.25 4.30
N LYS A 39 9.90 1.70 5.27
CA LYS A 39 9.50 1.94 6.65
C LYS A 39 9.14 0.67 7.40
N ARG A 40 9.39 -0.50 6.83
CA ARG A 40 9.02 -1.74 7.52
C ARG A 40 9.79 -1.90 8.82
N ALA A 41 11.06 -1.50 8.86
CA ALA A 41 11.82 -1.70 10.09
C ALA A 41 11.25 -0.86 11.24
N SER A 42 10.84 0.38 10.93
CA SER A 42 10.22 1.23 11.95
C SER A 42 8.89 0.65 12.39
N MET A 43 8.10 0.09 11.47
CA MET A 43 6.82 -0.49 11.85
C MET A 43 7.02 -1.66 12.80
N VAL A 44 7.97 -2.55 12.47
CA VAL A 44 8.24 -3.72 13.29
C VAL A 44 8.67 -3.29 14.69
N HIS A 45 9.66 -2.40 14.75
CA HIS A 45 10.17 -1.96 16.04
C HIS A 45 9.11 -1.20 16.82
N SER A 46 8.34 -0.33 16.14
CA SER A 46 7.34 0.48 16.82
CA SER A 46 7.34 0.48 16.84
C SER A 46 6.23 -0.39 17.40
N LEU A 47 5.82 -1.44 16.69
CA LEU A 47 4.78 -2.32 17.24
C LEU A 47 5.32 -3.09 18.43
N ILE A 48 6.55 -3.61 18.32
CA ILE A 48 7.20 -4.30 19.43
C ILE A 48 7.26 -3.38 20.66
N GLU A 49 7.68 -2.13 20.46
CA GLU A 49 7.80 -1.23 21.59
C GLU A 49 6.42 -0.84 22.13
N ALA A 50 5.39 -0.79 21.28
CA ALA A 50 4.05 -0.48 21.75
C ALA A 50 3.50 -1.59 22.64
N TYR A 51 3.95 -2.83 22.46
CA TYR A 51 3.61 -3.89 23.38
C TYR A 51 4.59 -3.99 24.54
N ALA A 52 5.52 -3.02 24.63
CA ALA A 52 6.51 -2.91 25.70
C ALA A 52 7.49 -4.08 25.73
N LEU A 53 7.57 -4.86 24.64
CA LEU A 53 8.39 -6.06 24.67
C LEU A 53 9.87 -5.74 24.80
N HIS A 54 10.29 -4.57 24.32
CA HIS A 54 11.69 -4.21 24.40
C HIS A 54 12.16 -4.06 25.85
N LYS A 55 11.23 -3.80 26.77
CA LYS A 55 11.57 -3.69 28.19
C LYS A 55 11.94 -5.03 28.79
N GLN A 56 11.59 -6.13 28.14
CA GLN A 56 11.93 -7.46 28.63
C GLN A 56 13.13 -8.06 27.92
N MET A 57 13.85 -7.26 27.13
CA MET A 57 14.96 -7.76 26.36
C MET A 57 16.20 -6.91 26.64
N ARG A 58 17.36 -7.48 26.33
CA ARG A 58 18.61 -6.74 26.40
C ARG A 58 18.85 -6.09 25.04
N ILE A 59 18.76 -4.77 25.00
CA ILE A 59 18.86 -4.03 23.75
C ILE A 59 20.34 -3.83 23.44
N VAL A 60 20.77 -4.26 22.25
CA VAL A 60 22.17 -4.18 21.87
C VAL A 60 22.27 -3.40 20.56
N LYS A 61 23.05 -2.34 20.59
CA LYS A 61 23.32 -1.55 19.39
C LYS A 61 24.15 -2.36 18.41
N PRO A 62 23.75 -2.47 17.15
CA PRO A 62 24.57 -3.25 16.21
C PRO A 62 25.81 -2.48 15.81
N LYS A 63 26.92 -3.21 15.68
CA LYS A 63 28.09 -2.65 15.04
C LYS A 63 27.94 -2.71 13.52
N VAL A 64 28.59 -1.80 12.82
CA VAL A 64 28.65 -1.87 11.37
C VAL A 64 29.73 -2.86 10.97
N ALA A 65 29.43 -3.73 10.00
CA ALA A 65 30.42 -4.71 9.58
C ALA A 65 31.58 -4.00 8.88
N SER A 66 32.80 -4.43 9.17
CA SER A 66 33.96 -3.93 8.43
C SER A 66 34.09 -4.64 7.09
N MET A 67 34.93 -4.06 6.23
CA MET A 67 35.21 -4.68 4.94
C MET A 67 35.72 -6.11 5.13
N GLU A 68 36.61 -6.33 6.09
CA GLU A 68 37.16 -7.66 6.26
C GLU A 68 36.15 -8.63 6.84
N GLU A 69 35.21 -8.15 7.66
CA GLU A 69 34.17 -9.06 8.14
C GLU A 69 33.25 -9.45 7.00
N MET A 70 32.90 -8.51 6.13
CA MET A 70 32.06 -8.87 5.00
C MET A 70 32.80 -9.80 4.05
N ALA A 71 34.13 -9.70 3.96
CA ALA A 71 34.89 -10.54 3.05
C ALA A 71 35.12 -11.95 3.57
N THR A 72 34.64 -12.29 4.77
CA THR A 72 34.68 -13.70 5.18
C THR A 72 33.82 -14.53 4.25
N PHE A 73 32.83 -13.92 3.60
CA PHE A 73 32.06 -14.61 2.56
C PHE A 73 32.13 -13.92 1.20
N HIS A 74 32.01 -12.60 1.15
CA HIS A 74 31.89 -11.92 -0.14
C HIS A 74 33.28 -11.58 -0.70
N THR A 75 33.37 -11.54 -2.03
CA THR A 75 34.65 -11.20 -2.64
C THR A 75 34.93 -9.71 -2.51
N ASP A 76 36.22 -9.37 -2.38
CA ASP A 76 36.61 -7.96 -2.33
C ASP A 76 36.15 -7.19 -3.56
N ALA A 77 36.20 -7.83 -4.74
CA ALA A 77 35.75 -7.14 -5.95
C ALA A 77 34.25 -6.82 -5.88
N TYR A 78 33.44 -7.77 -5.39
CA TYR A 78 32.03 -7.47 -5.24
C TYR A 78 31.82 -6.32 -4.25
N LEU A 79 32.43 -6.41 -3.05
CA LEU A 79 32.20 -5.37 -2.06
C LEU A 79 32.70 -4.00 -2.55
N GLN A 80 33.82 -3.98 -3.25
CA GLN A 80 34.33 -2.70 -3.74
C GLN A 80 33.43 -2.13 -4.83
N HIS A 81 32.90 -2.98 -5.70
CA HIS A 81 31.94 -2.48 -6.69
C HIS A 81 30.71 -1.90 -6.01
N LEU A 82 30.13 -2.66 -5.08
CA LEU A 82 28.96 -2.19 -4.35
C LEU A 82 29.23 -0.86 -3.67
N GLN A 83 30.39 -0.74 -3.01
CA GLN A 83 30.71 0.51 -2.35
C GLN A 83 30.79 1.66 -3.36
N LYS A 84 31.41 1.42 -4.52
CA LYS A 84 31.58 2.48 -5.51
C LYS A 84 30.25 2.99 -6.04
N VAL A 85 29.35 2.08 -6.43
CA VAL A 85 28.07 2.52 -7.01
C VAL A 85 27.15 3.04 -5.94
N SER A 86 27.41 2.69 -4.67
CA SER A 86 26.59 3.18 -3.59
C SER A 86 26.81 4.66 -3.31
N GLN A 87 27.98 5.20 -3.66
CA GLN A 87 28.31 6.59 -3.31
C GLN A 87 27.25 7.58 -3.80
N GLU A 88 26.93 7.54 -5.09
CA GLU A 88 25.86 8.38 -5.63
C GLU A 88 24.66 7.59 -6.10
N GLY A 89 24.67 6.28 -5.95
CA GLY A 89 23.60 5.48 -6.51
C GLY A 89 23.71 5.38 -8.01
N ASP A 90 24.90 5.03 -8.51
CA ASP A 90 25.12 4.82 -9.94
C ASP A 90 24.44 3.54 -10.40
N ASP A 91 23.22 3.64 -10.92
CA ASP A 91 22.46 2.49 -11.35
C ASP A 91 22.63 2.20 -12.83
N ASP A 92 23.67 2.74 -13.46
CA ASP A 92 23.91 2.55 -14.87
C ASP A 92 25.36 2.18 -15.12
N HIS A 93 26.00 1.59 -14.13
CA HIS A 93 27.43 1.29 -14.26
C HIS A 93 27.62 0.01 -15.07
N PRO A 94 28.48 0.03 -16.09
CA PRO A 94 28.57 -1.14 -16.99
C PRO A 94 29.05 -2.40 -16.34
N ASP A 95 29.78 -2.31 -15.22
CA ASP A 95 30.25 -3.53 -14.54
C ASP A 95 29.20 -4.16 -13.64
N SER A 96 28.08 -3.48 -13.38
CA SER A 96 27.08 -4.05 -12.47
C SER A 96 26.52 -5.36 -12.98
N ILE A 97 26.61 -5.65 -14.28
CA ILE A 97 26.13 -6.93 -14.79
C ILE A 97 26.95 -8.08 -14.21
N GLU A 98 28.21 -7.84 -13.87
CA GLU A 98 29.04 -8.85 -13.24
C GLU A 98 28.53 -9.24 -11.88
N TYR A 99 27.77 -8.37 -11.23
CA TYR A 99 27.56 -8.46 -9.78
C TYR A 99 26.09 -8.57 -9.41
N GLY A 100 25.21 -8.84 -10.38
CA GLY A 100 23.81 -9.01 -10.05
C GLY A 100 23.05 -7.75 -9.77
N LEU A 101 23.63 -6.59 -10.07
CA LEU A 101 22.98 -5.30 -9.82
C LEU A 101 22.24 -4.85 -11.07
N GLY A 102 20.96 -4.57 -10.92
CA GLY A 102 20.14 -4.26 -12.08
C GLY A 102 18.69 -4.08 -11.69
N TYR A 103 17.79 -4.56 -12.54
CA TYR A 103 16.37 -4.29 -12.35
C TYR A 103 15.89 -4.77 -10.99
N ASP A 104 16.24 -6.03 -10.63
CA ASP A 104 15.79 -6.58 -9.37
C ASP A 104 16.57 -6.06 -8.18
N CYS A 105 17.87 -5.79 -8.35
CA CYS A 105 18.73 -5.30 -7.27
C CYS A 105 19.39 -4.00 -7.69
N PRO A 106 18.64 -2.90 -7.71
CA PRO A 106 19.23 -1.64 -8.19
C PRO A 106 20.31 -1.13 -7.26
N ALA A 107 21.27 -0.44 -7.85
CA ALA A 107 22.31 0.28 -7.12
C ALA A 107 21.71 1.58 -6.56
N THR A 108 21.03 1.44 -5.42
CA THR A 108 20.52 2.56 -4.65
C THR A 108 21.66 3.35 -3.99
N GLU A 109 21.46 4.67 -3.86
CA GLU A 109 22.42 5.46 -3.11
C GLU A 109 22.44 5.01 -1.65
N GLY A 110 23.65 4.79 -1.11
CA GLY A 110 23.78 4.30 0.25
C GLY A 110 23.59 2.80 0.47
N ILE A 111 23.28 2.03 -0.58
CA ILE A 111 22.98 0.61 -0.38
C ILE A 111 24.16 -0.13 0.27
N PHE A 112 25.39 0.30 0.02
CA PHE A 112 26.52 -0.36 0.66
C PHE A 112 26.50 -0.16 2.18
N ASP A 113 26.18 1.05 2.62
CA ASP A 113 26.12 1.33 4.05
C ASP A 113 24.98 0.55 4.70
N TYR A 114 23.84 0.44 4.00
CA TYR A 114 22.74 -0.36 4.55
C TYR A 114 23.14 -1.81 4.64
N ALA A 115 23.85 -2.32 3.62
CA ALA A 115 24.25 -3.72 3.66
C ALA A 115 25.24 -3.96 4.79
N ALA A 116 26.24 -3.08 4.94
CA ALA A 116 27.20 -3.19 6.03
C ALA A 116 26.51 -3.16 7.39
N ALA A 117 25.47 -2.33 7.54
CA ALA A 117 24.77 -2.25 8.82
C ALA A 117 23.99 -3.54 9.10
N ILE A 118 23.36 -4.13 8.07
CA ILE A 118 22.62 -5.35 8.31
C ILE A 118 23.57 -6.51 8.58
N GLY A 119 24.64 -6.62 7.78
CA GLY A 119 25.65 -7.63 8.08
C GLY A 119 26.20 -7.45 9.48
N GLY A 120 26.53 -6.20 9.83
CA GLY A 120 27.07 -5.97 11.16
C GLY A 120 26.06 -6.33 12.24
N ALA A 121 24.77 -6.07 11.98
CA ALA A 121 23.77 -6.39 12.99
C ALA A 121 23.70 -7.89 13.23
N THR A 122 23.77 -8.70 12.17
CA THR A 122 23.70 -10.15 12.35
C THR A 122 24.96 -10.70 13.01
N ILE A 123 26.13 -10.18 12.64
CA ILE A 123 27.39 -10.58 13.28
C ILE A 123 27.35 -10.24 14.77
N THR A 124 26.89 -9.04 15.11
CA THR A 124 26.76 -8.65 16.51
C THR A 124 25.89 -9.65 17.28
N ALA A 125 24.75 -10.03 16.71
CA ALA A 125 23.90 -11.04 17.34
C ALA A 125 24.65 -12.35 17.53
N ALA A 126 25.37 -12.80 16.50
CA ALA A 126 26.17 -14.01 16.62
C ALA A 126 27.21 -13.86 17.73
N GLN A 127 27.84 -12.69 17.82
CA GLN A 127 28.86 -12.49 18.84
C GLN A 127 28.26 -12.52 20.24
N CYS A 128 27.07 -11.93 20.42
CA CYS A 128 26.38 -12.05 21.70
C CYS A 128 26.16 -13.51 22.07
N LEU A 129 25.74 -14.33 21.09
CA LEU A 129 25.53 -15.75 21.37
C LEU A 129 26.82 -16.44 21.78
N ILE A 130 27.93 -16.19 21.08
CA ILE A 130 29.14 -16.93 21.45
C ILE A 130 29.78 -16.41 22.73
N ASP A 131 29.55 -15.15 23.10
CA ASP A 131 29.99 -14.63 24.40
C ASP A 131 29.08 -15.05 25.54
N GLY A 132 28.05 -15.85 25.28
CA GLY A 132 27.17 -16.31 26.33
C GLY A 132 26.28 -15.24 26.92
N MET A 133 26.19 -14.08 26.28
CA MET A 133 25.31 -13.01 26.74
C MET A 133 23.83 -13.39 26.70
N CYS A 134 23.46 -14.44 25.97
CA CYS A 134 22.07 -14.79 25.79
C CYS A 134 22.00 -16.15 25.14
N LYS A 135 20.81 -16.74 25.13
CA LYS A 135 20.55 -17.92 24.32
C LYS A 135 19.81 -17.61 23.03
N VAL A 136 19.18 -16.43 22.94
CA VAL A 136 18.42 -16.04 21.76
C VAL A 136 18.77 -14.59 21.45
N ALA A 137 19.19 -14.33 20.22
CA ALA A 137 19.52 -12.97 19.75
C ALA A 137 18.72 -12.70 18.49
N ILE A 138 18.14 -11.50 18.38
CA ILE A 138 17.15 -11.18 17.35
C ILE A 138 17.64 -10.04 16.47
N ASN A 139 17.66 -10.26 15.16
CA ASN A 139 17.87 -9.18 14.19
C ASN A 139 16.74 -9.22 13.16
N TRP A 140 15.61 -8.58 13.46
CA TRP A 140 14.46 -8.66 12.57
C TRP A 140 14.72 -8.07 11.18
N SER A 141 15.70 -7.18 11.03
CA SER A 141 16.01 -6.62 9.72
C SER A 141 17.02 -7.45 8.94
N GLY A 142 17.49 -8.57 9.48
CA GLY A 142 18.35 -9.48 8.75
C GLY A 142 17.56 -10.52 7.97
N GLY A 143 18.28 -11.49 7.44
CA GLY A 143 17.65 -12.57 6.70
C GLY A 143 17.75 -12.46 5.20
N TRP A 144 18.77 -11.75 4.69
CA TRP A 144 19.00 -11.55 3.27
C TRP A 144 19.58 -12.80 2.61
N HIS A 145 18.77 -13.85 2.47
CA HIS A 145 19.30 -15.19 2.25
C HIS A 145 19.64 -15.51 0.79
N HIS A 146 19.31 -14.63 -0.17
CA HIS A 146 19.58 -14.93 -1.57
C HIS A 146 20.99 -14.51 -2.02
N ALA A 147 21.65 -13.62 -1.30
CA ALA A 147 22.89 -13.03 -1.80
C ALA A 147 23.98 -14.08 -1.92
N LYS A 148 24.81 -13.92 -2.96
CA LYS A 148 25.90 -14.83 -3.27
C LYS A 148 27.22 -14.14 -2.99
N LYS A 149 28.31 -14.91 -3.00
CA LYS A 149 29.57 -14.33 -2.54
C LYS A 149 30.03 -13.19 -3.44
N ASP A 150 29.61 -13.19 -4.71
CA ASP A 150 30.00 -12.15 -5.65
C ASP A 150 28.81 -11.60 -6.45
N GLU A 151 27.57 -11.73 -5.93
CA GLU A 151 26.41 -11.25 -6.67
C GLU A 151 25.28 -10.91 -5.70
N ALA A 152 24.65 -9.76 -5.91
CA ALA A 152 23.38 -9.50 -5.25
C ALA A 152 22.30 -10.37 -5.90
N SER A 153 21.25 -10.67 -5.15
CA SER A 153 20.18 -11.46 -5.74
C SER A 153 18.92 -11.31 -4.91
N GLY A 154 17.78 -11.28 -5.60
CA GLY A 154 16.50 -11.27 -4.94
C GLY A 154 16.39 -10.23 -3.84
N PHE A 155 16.72 -8.99 -4.16
CA PHE A 155 16.69 -7.87 -3.22
C PHE A 155 17.75 -7.99 -2.13
N CYS A 156 18.63 -9.00 -2.18
CA CYS A 156 19.66 -9.20 -1.15
C CYS A 156 21.03 -8.76 -1.66
N TYR A 157 21.64 -7.80 -0.97
CA TYR A 157 22.92 -7.29 -1.41
C TYR A 157 24.08 -7.87 -0.63
N LEU A 158 23.81 -8.56 0.46
CA LEU A 158 24.84 -9.08 1.34
C LEU A 158 24.19 -10.21 2.09
N ASN A 159 24.90 -11.32 2.25
CA ASN A 159 24.26 -12.47 2.87
C ASN A 159 24.64 -12.48 4.35
N ASP A 160 23.84 -11.75 5.13
CA ASP A 160 24.08 -11.60 6.57
C ASP A 160 23.89 -12.91 7.30
N ALA A 161 22.95 -13.76 6.85
CA ALA A 161 22.82 -15.08 7.47
C ALA A 161 24.11 -15.88 7.36
N VAL A 162 24.76 -15.87 6.20
CA VAL A 162 26.05 -16.57 6.05
C VAL A 162 27.08 -15.97 6.99
N LEU A 163 27.20 -14.63 7.02
CA LEU A 163 28.15 -14.00 7.93
C LEU A 163 27.85 -14.37 9.38
N GLY A 164 26.58 -14.46 9.76
CA GLY A 164 26.25 -14.88 11.11
C GLY A 164 26.70 -16.31 11.39
N ILE A 165 26.40 -17.21 10.48
CA ILE A 165 26.81 -18.61 10.67
C ILE A 165 28.32 -18.72 10.82
N LEU A 166 29.06 -18.03 9.94
CA LEU A 166 30.52 -18.08 10.00
C LEU A 166 31.04 -17.57 11.33
N ARG A 167 30.42 -16.51 11.87
CA ARG A 167 30.82 -16.05 13.19
C ARG A 167 30.52 -17.10 14.25
N LEU A 168 29.33 -17.70 14.20
CA LEU A 168 29.01 -18.74 15.17
C LEU A 168 29.98 -19.92 15.05
N ARG A 169 30.52 -20.14 13.86
CA ARG A 169 31.41 -21.28 13.70
C ARG A 169 32.74 -21.08 14.42
N ARG A 170 33.05 -19.86 14.86
CA ARG A 170 34.21 -19.67 15.71
C ARG A 170 34.11 -20.45 17.02
N LYS A 171 32.89 -20.79 17.45
CA LYS A 171 32.73 -21.41 18.75
C LYS A 171 31.94 -22.71 18.67
N PHE A 172 30.95 -22.78 17.77
CA PHE A 172 30.05 -23.92 17.70
C PHE A 172 30.41 -24.79 16.51
N GLU A 173 30.53 -26.10 16.73
CA GLU A 173 31.09 -26.97 15.69
C GLU A 173 30.08 -27.32 14.60
N ARG A 174 28.79 -27.38 14.92
CA ARG A 174 27.76 -27.72 13.95
C ARG A 174 26.64 -26.71 14.09
N ILE A 175 26.30 -26.05 12.97
CA ILE A 175 25.25 -25.04 12.92
C ILE A 175 24.13 -25.58 12.04
N LEU A 176 22.90 -25.49 12.53
CA LEU A 176 21.70 -25.77 11.75
C LEU A 176 21.07 -24.44 11.35
N TYR A 177 20.88 -24.26 10.04
CA TYR A 177 20.17 -23.11 9.49
C TYR A 177 18.79 -23.57 9.04
N VAL A 178 17.76 -22.90 9.56
CA VAL A 178 16.38 -23.22 9.21
C VAL A 178 15.75 -21.98 8.58
N ASP A 179 15.21 -22.16 7.38
CA ASP A 179 14.74 -21.06 6.54
C ASP A 179 13.25 -21.27 6.25
N LEU A 180 12.40 -20.49 6.92
CA LEU A 180 10.95 -20.59 6.78
C LEU A 180 10.37 -19.51 5.88
N ASP A 181 11.23 -18.69 5.27
CA ASP A 181 10.80 -17.76 4.23
C ASP A 181 10.00 -18.49 3.14
N LEU A 182 9.14 -17.75 2.44
CA LEU A 182 8.40 -18.37 1.33
C LEU A 182 9.36 -18.90 0.26
N HIS A 183 10.52 -18.29 0.12
CA HIS A 183 11.44 -18.61 -0.94
C HIS A 183 12.56 -19.51 -0.43
N HIS A 184 13.05 -20.35 -1.33
CA HIS A 184 14.21 -21.18 -1.05
C HIS A 184 15.42 -20.33 -0.64
N GLY A 185 16.02 -20.68 0.50
CA GLY A 185 17.25 -20.00 0.92
C GLY A 185 18.48 -20.46 0.18
N ASP A 186 18.57 -20.10 -1.11
CA ASP A 186 19.59 -20.68 -1.98
C ASP A 186 20.98 -20.11 -1.70
N GLY A 187 21.07 -18.83 -1.36
CA GLY A 187 22.37 -18.25 -1.09
C GLY A 187 23.05 -18.88 0.12
N VAL A 188 22.27 -19.15 1.17
CA VAL A 188 22.84 -19.79 2.35
C VAL A 188 23.16 -21.24 2.03
N GLU A 189 22.26 -21.92 1.30
CA GLU A 189 22.53 -23.31 1.00
C GLU A 189 23.79 -23.44 0.14
N ASP A 190 23.94 -22.56 -0.86
CA ASP A 190 25.12 -22.62 -1.73
C ASP A 190 26.41 -22.40 -0.94
N ALA A 191 26.46 -21.35 -0.10
CA ALA A 191 27.65 -21.08 0.70
C ALA A 191 28.16 -22.32 1.44
N PHE A 192 27.24 -23.15 1.93
CA PHE A 192 27.63 -24.30 2.75
C PHE A 192 27.33 -25.62 2.07
N SER A 193 27.09 -25.60 0.75
CA SER A 193 26.68 -26.82 0.06
C SER A 193 27.71 -27.94 0.21
N PHE A 194 29.00 -27.60 0.31
CA PHE A 194 30.08 -28.59 0.32
C PHE A 194 30.58 -28.93 1.72
N THR A 195 29.89 -28.54 2.78
CA THR A 195 30.37 -28.86 4.11
C THR A 195 29.29 -29.56 4.93
N SER A 196 29.72 -30.52 5.75
CA SER A 196 28.86 -31.18 6.74
C SER A 196 28.78 -30.44 8.07
N LYS A 197 29.48 -29.32 8.22
CA LYS A 197 29.50 -28.62 9.50
C LYS A 197 28.36 -27.65 9.63
N VAL A 198 27.74 -27.27 8.52
CA VAL A 198 26.54 -26.44 8.51
C VAL A 198 25.49 -27.19 7.72
N MET A 199 24.36 -27.49 8.35
CA MET A 199 23.24 -28.06 7.65
C MET A 199 22.18 -26.99 7.41
N THR A 200 21.67 -26.92 6.19
CA THR A 200 20.62 -25.96 5.85
C THR A 200 19.33 -26.70 5.60
N VAL A 201 18.23 -26.21 6.19
CA VAL A 201 16.89 -26.74 5.98
C VAL A 201 16.00 -25.61 5.49
N SER A 202 15.40 -25.78 4.32
CA SER A 202 14.54 -24.75 3.74
C SER A 202 13.19 -25.36 3.42
N LEU A 203 12.12 -24.72 3.90
CA LEU A 203 10.76 -24.99 3.47
C LEU A 203 10.32 -23.83 2.59
N HIS A 204 9.76 -24.14 1.43
CA HIS A 204 9.56 -23.04 0.49
C HIS A 204 8.62 -23.50 -0.60
N LYS A 205 8.00 -22.52 -1.27
CA LYS A 205 7.30 -22.81 -2.51
C LYS A 205 8.30 -23.24 -3.58
N PHE A 206 8.01 -24.37 -4.24
CA PHE A 206 8.81 -24.87 -5.35
C PHE A 206 7.86 -25.18 -6.51
N SER A 207 7.93 -24.36 -7.56
CA SER A 207 6.99 -24.46 -8.67
C SER A 207 7.66 -23.89 -9.91
N PRO A 208 7.31 -24.38 -11.09
CA PRO A 208 7.89 -23.84 -12.32
C PRO A 208 7.64 -22.34 -12.42
N GLY A 209 8.70 -21.60 -12.72
CA GLY A 209 8.57 -20.17 -12.81
C GLY A 209 8.57 -19.42 -11.49
N PHE A 210 8.74 -20.08 -10.36
CA PHE A 210 8.78 -19.40 -9.07
C PHE A 210 10.23 -19.26 -8.59
N PHE A 211 10.63 -18.02 -8.35
CA PHE A 211 11.98 -17.68 -7.93
C PHE A 211 12.40 -18.30 -6.60
N PRO A 212 13.66 -18.73 -6.48
CA PRO A 212 14.72 -18.70 -7.50
C PRO A 212 14.87 -20.00 -8.28
N GLY A 213 13.83 -20.84 -8.29
CA GLY A 213 13.82 -22.02 -9.12
C GLY A 213 14.56 -23.21 -8.57
N THR A 214 15.20 -23.09 -7.44
CA THR A 214 16.01 -24.13 -6.85
C THR A 214 15.37 -24.69 -5.61
N GLY A 215 16.00 -25.73 -5.06
CA GLY A 215 15.54 -26.30 -3.80
C GLY A 215 14.50 -27.38 -3.94
N ASP A 216 14.67 -28.27 -4.93
CA ASP A 216 13.87 -29.48 -4.97
C ASP A 216 14.31 -30.43 -3.85
N VAL A 217 13.44 -31.40 -3.54
CA VAL A 217 13.73 -32.32 -2.47
C VAL A 217 14.94 -33.19 -2.78
N SER A 218 15.29 -33.30 -4.06
CA SER A 218 16.47 -34.05 -4.44
C SER A 218 17.76 -33.25 -4.32
N ASP A 219 17.71 -31.97 -3.98
CA ASP A 219 18.92 -31.17 -3.75
C ASP A 219 19.36 -31.40 -2.31
N VAL A 220 20.51 -32.06 -2.12
CA VAL A 220 20.89 -32.53 -0.79
C VAL A 220 22.29 -32.06 -0.41
N GLY A 221 22.86 -31.18 -1.21
CA GLY A 221 24.24 -30.77 -1.02
C GLY A 221 25.17 -31.54 -1.94
N LEU A 222 26.46 -31.21 -1.83
CA LEU A 222 27.50 -31.69 -2.74
C LEU A 222 28.75 -32.08 -1.98
N GLY A 223 29.48 -33.05 -2.54
CA GLY A 223 30.81 -33.33 -2.02
C GLY A 223 30.71 -33.85 -0.60
N LYS A 224 31.54 -33.31 0.29
CA LYS A 224 31.47 -33.69 1.69
C LYS A 224 30.19 -33.18 2.36
N GLY A 225 29.51 -32.19 1.76
CA GLY A 225 28.23 -31.74 2.25
C GLY A 225 27.03 -32.49 1.70
N ARG A 226 27.24 -33.61 1.00
CA ARG A 226 26.08 -34.33 0.47
C ARG A 226 25.24 -34.91 1.61
N TYR A 227 23.93 -34.66 1.56
CA TYR A 227 22.89 -34.99 2.54
C TYR A 227 22.88 -34.03 3.72
N TYR A 228 23.71 -32.97 3.71
CA TYR A 228 23.67 -31.94 4.73
C TYR A 228 22.98 -30.66 4.23
N SER A 229 22.24 -30.75 3.13
CA SER A 229 21.25 -29.74 2.75
C SER A 229 19.90 -30.42 2.61
N VAL A 230 18.84 -29.78 3.12
CA VAL A 230 17.50 -30.35 3.17
C VAL A 230 16.53 -29.35 2.57
N ASN A 231 15.75 -29.79 1.59
CA ASN A 231 14.79 -28.92 0.92
C ASN A 231 13.42 -29.59 0.93
N VAL A 232 12.42 -28.82 1.35
CA VAL A 232 11.04 -29.29 1.51
C VAL A 232 10.15 -28.48 0.59
N PRO A 233 9.91 -28.95 -0.64
CA PRO A 233 9.12 -28.16 -1.61
C PRO A 233 7.62 -28.24 -1.31
N ILE A 234 6.98 -27.09 -1.22
CA ILE A 234 5.60 -26.97 -0.76
C ILE A 234 4.80 -26.20 -1.81
N GLN A 235 3.52 -26.54 -1.95
CA GLN A 235 2.65 -25.91 -2.93
C GLN A 235 1.74 -24.84 -2.30
N ASP A 236 1.11 -24.05 -3.17
CA ASP A 236 0.23 -22.97 -2.73
C ASP A 236 -0.84 -23.43 -1.75
N GLY A 237 -1.23 -22.52 -0.85
CA GLY A 237 -2.41 -22.70 -0.03
C GLY A 237 -2.22 -23.49 1.24
N ILE A 238 -0.97 -23.79 1.62
CA ILE A 238 -0.75 -24.50 2.86
C ILE A 238 -1.13 -23.60 4.03
N GLN A 239 -1.67 -24.22 5.07
CA GLN A 239 -2.14 -23.55 6.27
C GLN A 239 -1.36 -24.05 7.48
N ASP A 240 -1.64 -23.43 8.63
CA ASP A 240 -0.81 -23.59 9.83
C ASP A 240 -0.61 -25.04 10.22
N GLU A 241 -1.68 -25.83 10.27
CA GLU A 241 -1.60 -27.15 10.91
C GLU A 241 -0.79 -28.13 10.07
N LYS A 242 -1.02 -28.14 8.75
CA LYS A 242 -0.23 -29.03 7.90
C LYS A 242 1.22 -28.55 7.80
N TYR A 243 1.44 -27.24 7.70
CA TYR A 243 2.80 -26.72 7.65
C TYR A 243 3.58 -27.13 8.90
N TYR A 244 2.99 -26.95 10.07
CA TYR A 244 3.66 -27.35 11.30
C TYR A 244 3.91 -28.85 11.34
N GLN A 245 2.93 -29.65 10.89
CA GLN A 245 3.15 -31.09 10.80
C GLN A 245 4.37 -31.41 9.94
N ILE A 246 4.49 -30.75 8.78
CA ILE A 246 5.65 -30.96 7.92
C ILE A 246 6.92 -30.52 8.62
N CYS A 247 6.89 -29.32 9.21
CA CYS A 247 8.09 -28.75 9.79
C CYS A 247 8.56 -29.56 10.98
N GLU A 248 7.63 -29.95 11.86
CA GLU A 248 8.02 -30.78 13.00
C GLU A 248 8.59 -32.12 12.53
N SER A 249 7.95 -32.75 11.54
CA SER A 249 8.44 -34.03 11.07
C SER A 249 9.87 -33.92 10.55
N VAL A 250 10.16 -32.90 9.74
CA VAL A 250 11.52 -32.73 9.21
C VAL A 250 12.50 -32.37 10.32
N LEU A 251 12.18 -31.35 11.12
CA LEU A 251 13.13 -30.87 12.13
C LEU A 251 13.44 -31.95 13.17
N LYS A 252 12.46 -32.80 13.49
CA LYS A 252 12.70 -33.89 14.41
C LYS A 252 13.77 -34.84 13.87
N GLU A 253 13.66 -35.22 12.60
CA GLU A 253 14.69 -36.07 11.99
C GLU A 253 16.03 -35.34 11.94
N VAL A 254 16.00 -34.06 11.55
CA VAL A 254 17.22 -33.27 11.45
C VAL A 254 17.92 -33.21 12.79
N TYR A 255 17.18 -32.86 13.84
CA TYR A 255 17.79 -32.75 15.16
C TYR A 255 18.42 -34.06 15.58
N GLN A 256 17.76 -35.18 15.29
CA GLN A 256 18.28 -36.49 15.68
C GLN A 256 19.53 -36.85 14.86
N ALA A 257 19.51 -36.60 13.55
CA ALA A 257 20.62 -37.05 12.71
C ALA A 257 21.84 -36.13 12.81
N PHE A 258 21.62 -34.82 12.95
CA PHE A 258 22.69 -33.84 12.83
C PHE A 258 23.24 -33.36 14.16
N ASN A 259 22.45 -33.39 15.22
CA ASN A 259 22.88 -32.98 16.55
C ASN A 259 23.49 -31.57 16.54
N PRO A 260 22.71 -30.55 16.19
CA PRO A 260 23.26 -29.19 16.09
C PRO A 260 23.68 -28.62 17.44
N LYS A 261 24.66 -27.72 17.40
CA LYS A 261 25.10 -26.98 18.58
C LYS A 261 24.60 -25.54 18.60
N ALA A 262 24.13 -25.02 17.48
CA ALA A 262 23.56 -23.68 17.43
C ALA A 262 22.67 -23.60 16.21
N VAL A 263 21.77 -22.64 16.22
CA VAL A 263 20.72 -22.55 15.21
C VAL A 263 20.63 -21.13 14.70
N VAL A 264 20.51 -20.99 13.38
CA VAL A 264 20.15 -19.71 12.77
C VAL A 264 18.80 -19.91 12.10
N LEU A 265 17.83 -19.06 12.44
CA LEU A 265 16.45 -19.26 12.05
C LEU A 265 15.95 -18.06 11.25
N GLN A 266 15.65 -18.26 9.98
CA GLN A 266 15.15 -17.20 9.11
C GLN A 266 13.62 -17.28 9.06
N LEU A 267 12.95 -16.18 9.37
CA LEU A 267 11.50 -16.22 9.50
C LEU A 267 10.79 -15.21 8.59
N GLY A 268 11.21 -15.14 7.32
CA GLY A 268 10.51 -14.30 6.36
C GLY A 268 9.01 -14.48 6.43
N ALA A 269 8.26 -13.37 6.46
CA ALA A 269 6.82 -13.39 6.68
C ALA A 269 6.04 -13.32 5.36
N ASP A 270 6.69 -13.59 4.24
CA ASP A 270 5.93 -13.67 3.00
C ASP A 270 5.14 -14.96 2.86
N THR A 271 5.16 -15.82 3.88
CA THR A 271 4.26 -16.97 3.94
C THR A 271 2.88 -16.58 4.48
N ILE A 272 2.74 -15.40 5.07
CA ILE A 272 1.56 -15.09 5.87
C ILE A 272 0.42 -14.69 4.96
N SER A 273 -0.76 -15.25 5.22
CA SER A 273 -1.98 -14.86 4.51
C SER A 273 -2.06 -13.35 4.37
N GLY A 274 -2.39 -12.88 3.18
CA GLY A 274 -2.50 -11.46 2.94
C GLY A 274 -1.26 -10.82 2.33
N ASP A 275 -0.16 -11.57 2.21
CA ASP A 275 0.99 -11.03 1.51
C ASP A 275 0.65 -10.82 0.03
N ARG A 276 1.24 -9.77 -0.53
CA ARG A 276 1.13 -9.49 -1.97
C ARG A 276 1.42 -10.71 -2.85
N LEU A 277 2.34 -11.59 -2.44
CA LEU A 277 2.66 -12.73 -3.28
C LEU A 277 1.55 -13.80 -3.25
N GLY A 278 0.78 -13.86 -2.16
CA GLY A 278 -0.42 -14.68 -2.07
C GLY A 278 -0.26 -16.16 -2.34
N CYS A 279 0.86 -16.77 -1.92
CA CYS A 279 1.13 -18.17 -2.22
C CYS A 279 0.68 -19.10 -1.10
N PHE A 280 1.26 -18.95 0.08
CA PHE A 280 0.88 -19.74 1.24
C PHE A 280 -0.26 -19.04 1.99
N ASN A 281 -0.79 -19.74 3.00
CA ASN A 281 -1.97 -19.29 3.72
C ASN A 281 -1.75 -19.39 5.22
N MET A 282 -0.56 -18.99 5.66
CA MET A 282 -0.11 -19.13 7.04
C MET A 282 -0.57 -17.97 7.92
N THR A 283 -0.59 -18.21 9.23
CA THR A 283 -0.73 -17.13 10.20
C THR A 283 0.48 -17.19 11.11
N PRO A 284 0.75 -16.13 11.88
CA PRO A 284 1.89 -16.18 12.81
C PRO A 284 1.79 -17.30 13.83
N VAL A 285 0.58 -17.80 14.13
CA VAL A 285 0.45 -18.87 15.11
C VAL A 285 1.16 -20.12 14.62
N GLY A 286 0.98 -20.45 13.33
CA GLY A 286 1.64 -21.64 12.79
C GLY A 286 3.15 -21.52 12.74
N ILE A 287 3.65 -20.34 12.33
CA ILE A 287 5.10 -20.13 12.39
C ILE A 287 5.56 -20.18 13.84
N GLY A 288 4.75 -19.60 14.74
CA GLY A 288 5.08 -19.64 16.16
C GLY A 288 5.27 -21.05 16.70
N LYS A 289 4.45 -22.00 16.24
CA LYS A 289 4.64 -23.39 16.66
C LYS A 289 5.97 -23.95 16.19
N CYS A 290 6.36 -23.65 14.94
CA CYS A 290 7.68 -24.05 14.45
C CYS A 290 8.78 -23.43 15.30
N LEU A 291 8.64 -22.14 15.62
CA LEU A 291 9.61 -21.47 16.46
C LEU A 291 9.72 -22.10 17.83
N LYS A 292 8.58 -22.43 18.45
CA LYS A 292 8.58 -23.08 19.76
C LYS A 292 9.32 -24.40 19.72
N TYR A 293 9.07 -25.22 18.69
CA TYR A 293 9.74 -26.51 18.59
C TYR A 293 11.25 -26.34 18.54
N ILE A 294 11.74 -25.28 17.90
CA ILE A 294 13.18 -25.05 17.84
C ILE A 294 13.69 -24.51 19.16
N LEU A 295 12.95 -23.60 19.79
CA LEU A 295 13.40 -23.01 21.03
C LEU A 295 13.51 -24.04 22.15
N GLN A 296 12.68 -25.08 22.15
CA GLN A 296 12.77 -26.07 23.21
C GLN A 296 14.03 -26.94 23.09
N TRP A 297 14.74 -26.90 21.97
CA TRP A 297 16.08 -27.50 21.93
C TRP A 297 17.02 -26.82 22.89
N GLN A 298 16.75 -25.55 23.21
CA GLN A 298 17.55 -24.80 24.18
C GLN A 298 19.00 -24.63 23.72
N LEU A 299 19.18 -24.37 22.44
CA LEU A 299 20.48 -24.07 21.87
C LEU A 299 20.59 -22.57 21.60
N ALA A 300 21.83 -22.10 21.46
CA ALA A 300 22.05 -20.73 20.99
C ALA A 300 21.36 -20.54 19.64
N THR A 301 20.47 -19.56 19.56
CA THR A 301 19.58 -19.40 18.42
C THR A 301 19.61 -17.94 17.99
N LEU A 302 19.96 -17.72 16.73
CA LEU A 302 19.99 -16.41 16.09
C LEU A 302 18.77 -16.25 15.18
N ILE A 303 17.92 -15.28 15.50
CA ILE A 303 16.61 -15.11 14.88
C ILE A 303 16.71 -13.99 13.84
N LEU A 304 16.32 -14.30 12.61
CA LEU A 304 16.34 -13.32 11.53
C LEU A 304 14.96 -13.19 10.91
N GLY A 305 14.72 -12.02 10.31
CA GLY A 305 13.54 -11.77 9.49
C GLY A 305 13.74 -12.23 8.06
N GLY A 306 13.28 -11.43 7.11
CA GLY A 306 13.46 -11.75 5.70
C GLY A 306 12.41 -11.09 4.84
N GLY A 307 11.80 -11.86 3.96
CA GLY A 307 10.70 -11.35 3.17
C GLY A 307 9.50 -11.00 4.02
N GLY A 308 8.52 -10.39 3.36
CA GLY A 308 7.29 -9.95 4.02
C GLY A 308 6.88 -8.62 3.43
N TYR A 309 5.88 -8.63 2.54
CA TYR A 309 5.57 -7.46 1.75
C TYR A 309 4.22 -6.85 2.09
N ASN A 310 3.44 -7.48 2.95
CA ASN A 310 2.35 -6.81 3.64
C ASN A 310 2.96 -6.25 4.90
N LEU A 311 3.24 -4.93 4.91
CA LEU A 311 4.08 -4.38 5.95
C LEU A 311 3.47 -4.59 7.33
N ALA A 312 2.18 -4.27 7.48
CA ALA A 312 1.53 -4.41 8.78
C ALA A 312 1.46 -5.87 9.23
N ASN A 313 1.22 -6.81 8.30
CA ASN A 313 1.17 -8.22 8.66
C ASN A 313 2.54 -8.74 9.10
N THR A 314 3.60 -8.26 8.47
CA THR A 314 4.94 -8.65 8.87
C THR A 314 5.22 -8.17 10.29
N ALA A 315 4.90 -6.91 10.57
CA ALA A 315 5.04 -6.40 11.93
C ALA A 315 4.15 -7.17 12.91
N ARG A 316 2.91 -7.45 12.54
CA ARG A 316 2.08 -8.37 13.32
C ARG A 316 2.82 -9.69 13.59
N CYS A 317 3.35 -10.30 12.53
CA CYS A 317 3.99 -11.60 12.69
C CYS A 317 5.19 -11.53 13.63
N TRP A 318 6.09 -10.59 13.39
CA TRP A 318 7.33 -10.64 14.15
C TRP A 318 7.12 -10.12 15.57
N THR A 319 6.13 -9.27 15.79
CA THR A 319 5.81 -8.86 17.16
C THR A 319 5.31 -10.06 17.94
N TYR A 320 4.37 -10.79 17.35
CA TYR A 320 3.84 -12.00 17.97
C TYR A 320 4.93 -12.98 18.28
N LEU A 321 5.87 -13.18 17.33
CA LEU A 321 6.93 -14.16 17.53
C LEU A 321 7.90 -13.69 18.60
N THR A 322 8.13 -12.37 18.67
CA THR A 322 8.89 -11.84 19.80
C THR A 322 8.18 -12.18 21.10
N GLY A 323 6.85 -12.09 21.10
CA GLY A 323 6.09 -12.52 22.26
C GLY A 323 6.32 -13.98 22.58
N VAL A 324 6.28 -14.83 21.54
CA VAL A 324 6.56 -16.26 21.72
C VAL A 324 7.92 -16.45 22.39
N ILE A 325 8.94 -15.76 21.86
CA ILE A 325 10.28 -15.90 22.41
C ILE A 325 10.31 -15.55 23.89
N LEU A 326 9.59 -14.50 24.28
CA LEU A 326 9.55 -14.11 25.68
C LEU A 326 8.54 -14.90 26.50
N GLY A 327 7.85 -15.86 25.91
CA GLY A 327 6.83 -16.59 26.64
C GLY A 327 5.62 -15.75 27.07
N LYS A 328 5.36 -14.64 26.38
CA LYS A 328 4.29 -13.72 26.74
C LYS A 328 3.11 -13.87 25.78
N THR A 329 1.91 -13.69 26.32
CA THR A 329 0.71 -13.58 25.51
C THR A 329 0.33 -12.12 25.37
N LEU A 330 0.12 -11.69 24.13
CA LEU A 330 -0.07 -10.29 23.81
C LEU A 330 -1.56 -10.01 23.66
N SER A 331 -1.98 -8.81 24.10
CA SER A 331 -3.35 -8.38 23.87
C SER A 331 -3.67 -8.33 22.39
N SER A 332 -4.92 -8.67 22.05
CA SER A 332 -5.34 -8.68 20.66
C SER A 332 -5.43 -7.27 20.08
N GLU A 333 -5.83 -6.29 20.89
CA GLU A 333 -5.98 -4.92 20.43
C GLU A 333 -4.62 -4.34 20.08
N ILE A 334 -4.45 -3.92 18.83
CA ILE A 334 -3.22 -3.22 18.43
C ILE A 334 -3.16 -1.93 19.24
N PRO A 335 -2.09 -1.68 20.01
CA PRO A 335 -2.03 -0.45 20.80
C PRO A 335 -1.78 0.77 19.93
N ASP A 336 -2.31 1.91 20.36
CA ASP A 336 -2.06 3.14 19.64
C ASP A 336 -0.55 3.38 19.57
N HIS A 337 -0.07 3.80 18.41
CA HIS A 337 1.35 4.09 18.19
C HIS A 337 1.46 4.78 16.84
N GLU A 338 2.69 4.99 16.37
CA GLU A 338 2.90 5.86 15.21
C GLU A 338 2.21 5.32 13.96
N PHE A 339 2.21 4.01 13.76
CA PHE A 339 1.66 3.44 12.55
C PHE A 339 0.30 2.80 12.76
N PHE A 340 -0.43 3.22 13.81
CA PHE A 340 -1.72 2.61 14.13
C PHE A 340 -2.63 2.44 12.92
N THR A 341 -2.69 3.45 12.03
CA THR A 341 -3.65 3.37 10.92
C THR A 341 -3.33 2.26 9.92
N ALA A 342 -2.10 1.75 9.90
CA ALA A 342 -1.78 0.62 9.02
C ALA A 342 -2.50 -0.65 9.40
N TYR A 343 -3.08 -0.72 10.60
CA TYR A 343 -3.64 -1.97 11.09
C TYR A 343 -5.15 -2.05 10.92
N GLY A 344 -5.73 -1.12 10.16
CA GLY A 344 -7.16 -1.15 9.87
C GLY A 344 -7.44 -2.21 8.85
N PRO A 345 -8.72 -2.60 8.70
CA PRO A 345 -9.84 -2.00 9.41
C PRO A 345 -10.13 -2.59 10.77
N ASP A 346 -9.52 -3.72 11.15
CA ASP A 346 -9.91 -4.34 12.42
C ASP A 346 -8.99 -4.01 13.60
N TYR A 347 -7.72 -3.66 13.34
CA TYR A 347 -6.81 -3.18 14.38
C TYR A 347 -6.56 -4.24 15.45
N VAL A 348 -6.43 -5.50 15.03
CA VAL A 348 -6.08 -6.56 15.96
C VAL A 348 -4.80 -7.23 15.50
N LEU A 349 -4.18 -7.97 16.44
CA LEU A 349 -2.92 -8.65 16.17
C LEU A 349 -3.09 -9.87 15.27
N GLU A 350 -4.22 -10.56 15.40
CA GLU A 350 -4.43 -11.83 14.72
C GLU A 350 -4.68 -11.61 13.23
N ILE A 351 -4.35 -12.62 12.45
CA ILE A 351 -4.52 -12.60 11.00
C ILE A 351 -5.43 -13.75 10.62
N THR A 352 -6.51 -13.45 9.92
CA THR A 352 -7.45 -14.48 9.53
C THR A 352 -7.10 -14.99 8.15
N PRO A 353 -6.77 -16.27 7.98
CA PRO A 353 -6.46 -16.78 6.64
C PRO A 353 -7.73 -16.84 5.81
N SER A 354 -7.55 -16.85 4.50
CA SER A 354 -8.69 -16.96 3.62
C SER A 354 -9.04 -18.43 3.44
N CYS A 355 -10.22 -18.69 2.87
CA CYS A 355 -10.63 -20.05 2.55
C CYS A 355 -10.32 -20.29 1.09
N ARG A 356 -9.19 -20.93 0.82
CA ARG A 356 -8.81 -21.25 -0.55
C ARG A 356 -8.20 -22.65 -0.60
N PRO A 357 -8.17 -23.27 -1.77
CA PRO A 357 -7.67 -24.65 -1.84
C PRO A 357 -6.21 -24.76 -1.38
N ASP A 358 -5.93 -25.86 -0.67
CA ASP A 358 -4.58 -26.27 -0.34
C ASP A 358 -4.12 -27.22 -1.44
N ARG A 359 -3.12 -26.81 -2.21
CA ARG A 359 -2.66 -27.62 -3.34
C ARG A 359 -1.68 -28.73 -2.94
N ASN A 360 -1.53 -29.03 -1.66
CA ASN A 360 -0.57 -30.03 -1.19
C ASN A 360 -1.31 -31.34 -1.00
N GLU A 361 -1.20 -32.22 -2.00
CA GLU A 361 -1.81 -33.54 -1.92
C GLU A 361 -1.09 -34.35 -0.84
N PRO A 362 -1.82 -34.96 0.10
CA PRO A 362 -1.15 -35.63 1.23
C PRO A 362 -0.23 -36.77 0.82
N HIS A 363 -0.48 -37.43 -0.31
CA HIS A 363 0.42 -38.50 -0.73
C HIS A 363 1.77 -37.93 -1.17
N ARG A 364 1.74 -36.76 -1.84
CA ARG A 364 2.99 -36.13 -2.25
C ARG A 364 3.76 -35.64 -1.03
N ILE A 365 3.06 -35.14 -0.02
CA ILE A 365 3.73 -34.72 1.20
C ILE A 365 4.43 -35.89 1.87
N GLN A 366 3.76 -37.06 1.91
CA GLN A 366 4.38 -38.23 2.54
C GLN A 366 5.55 -38.74 1.72
N GLN A 367 5.46 -38.67 0.38
CA GLN A 367 6.61 -38.99 -0.45
C GLN A 367 7.81 -38.12 -0.08
N ILE A 368 7.58 -36.83 0.10
CA ILE A 368 8.68 -35.90 0.40
C ILE A 368 9.28 -36.21 1.77
N LEU A 369 8.42 -36.37 2.79
CA LEU A 369 8.91 -36.69 4.12
C LEU A 369 9.70 -37.99 4.13
N ASN A 370 9.23 -39.01 3.39
CA ASN A 370 9.95 -40.30 3.37
C ASN A 370 11.30 -40.16 2.69
N TYR A 371 11.34 -39.48 1.53
CA TYR A 371 12.60 -39.14 0.88
C TYR A 371 13.57 -38.46 1.85
N ILE A 372 13.09 -37.49 2.61
CA ILE A 372 13.98 -36.75 3.49
C ILE A 372 14.47 -37.65 4.63
N LYS A 373 13.58 -38.47 5.19
CA LYS A 373 14.00 -39.40 6.24
C LYS A 373 15.05 -40.38 5.70
N GLY A 374 14.89 -40.81 4.45
CA GLY A 374 15.90 -41.67 3.85
C GLY A 374 17.22 -40.95 3.64
N ASN A 375 17.18 -39.70 3.18
CA ASN A 375 18.41 -38.93 3.03
C ASN A 375 19.14 -38.77 4.36
N LEU A 376 18.40 -38.47 5.43
CA LEU A 376 19.03 -38.26 6.73
C LEU A 376 19.59 -39.55 7.33
N LYS A 377 19.25 -40.72 6.81
CA LYS A 377 19.92 -41.94 7.25
C LYS A 377 21.43 -41.84 7.01
N HIS A 378 21.83 -41.38 5.82
CA HIS A 378 23.23 -41.26 5.44
C HIS A 378 24.02 -40.27 6.31
N VAL A 379 23.39 -39.57 7.25
CA VAL A 379 24.01 -38.49 8.02
C VAL A 379 24.41 -38.98 9.40
N VAL A 380 25.60 -38.59 9.85
CA VAL A 380 26.06 -38.94 11.20
C VAL A 380 26.42 -37.69 12.01
N LEU B 17 -4.47 -4.74 -1.95
CA LEU B 17 -3.24 -4.72 -2.75
C LEU B 17 -3.00 -3.39 -3.47
N VAL B 18 -3.16 -3.43 -4.79
CA VAL B 18 -2.80 -2.34 -5.71
C VAL B 18 -4.04 -1.51 -6.07
N PRO B 19 -3.88 -0.22 -6.35
CA PRO B 19 -5.05 0.62 -6.65
C PRO B 19 -5.82 0.14 -7.87
N VAL B 20 -7.15 0.22 -7.79
CA VAL B 20 -8.00 -0.09 -8.93
C VAL B 20 -8.14 1.16 -9.79
N TYR B 21 -8.09 0.98 -11.10
CA TYR B 21 -8.19 2.08 -12.05
C TYR B 21 -9.35 1.75 -12.98
N ILE B 22 -10.46 2.47 -12.86
CA ILE B 22 -11.65 2.18 -13.66
C ILE B 22 -11.40 2.71 -15.06
N TYR B 23 -11.40 1.82 -16.05
CA TYR B 23 -11.10 2.22 -17.43
C TYR B 23 -11.57 1.14 -18.39
N SER B 24 -12.10 1.58 -19.52
CA SER B 24 -12.16 0.78 -20.73
C SER B 24 -12.19 1.74 -21.90
N PRO B 25 -11.78 1.32 -23.09
CA PRO B 25 -11.90 2.20 -24.26
C PRO B 25 -13.32 2.72 -24.49
N GLU B 26 -14.34 1.85 -24.39
CA GLU B 26 -15.71 2.30 -24.60
C GLU B 26 -16.14 3.35 -23.57
N TYR B 27 -15.68 3.22 -22.33
CA TYR B 27 -16.04 4.20 -21.31
C TYR B 27 -15.42 5.56 -21.61
N VAL B 28 -14.14 5.59 -22.00
CA VAL B 28 -13.50 6.85 -22.31
C VAL B 28 -14.15 7.49 -23.52
N SER B 29 -14.51 6.69 -24.53
CA SER B 29 -15.16 7.26 -25.70
C SER B 29 -16.47 7.92 -25.33
N MET B 30 -17.23 7.32 -24.40
CA MET B 30 -18.48 7.95 -24.01
C MET B 30 -18.22 9.26 -23.27
N CYS B 31 -17.33 9.22 -22.28
CA CYS B 31 -17.07 10.44 -21.50
C CYS B 31 -16.46 11.52 -22.38
N ASP B 32 -15.72 11.13 -23.41
CA ASP B 32 -15.14 12.09 -24.33
C ASP B 32 -16.19 13.02 -24.94
N SER B 33 -17.44 12.55 -25.06
CA SER B 33 -18.48 13.30 -25.77
CA SER B 33 -18.45 13.32 -25.78
C SER B 33 -19.11 14.41 -24.93
N LEU B 34 -18.93 14.40 -23.61
CA LEU B 34 -19.54 15.43 -22.77
C LEU B 34 -19.12 16.83 -23.24
N ALA B 35 -20.11 17.63 -23.66
CA ALA B 35 -19.84 18.79 -24.50
C ALA B 35 -19.01 19.85 -23.79
N LYS B 36 -19.10 19.93 -22.46
CA LYS B 36 -18.33 20.93 -21.74
C LYS B 36 -16.87 20.55 -21.58
N ILE B 37 -16.50 19.28 -21.77
CA ILE B 37 -15.14 18.82 -21.53
C ILE B 37 -14.71 17.89 -22.66
N PRO B 38 -14.74 18.32 -23.92
CA PRO B 38 -14.58 17.38 -25.03
C PRO B 38 -13.19 16.77 -25.04
N LYS B 39 -13.13 15.44 -25.20
CA LYS B 39 -11.87 14.68 -25.27
C LYS B 39 -11.08 14.70 -23.98
N ARG B 40 -11.63 15.25 -22.89
CA ARG B 40 -10.88 15.33 -21.64
C ARG B 40 -10.60 13.94 -21.07
N ALA B 41 -11.57 13.05 -21.11
CA ALA B 41 -11.32 11.70 -20.61
C ALA B 41 -10.16 11.04 -21.36
N SER B 42 -10.08 11.23 -22.68
CA SER B 42 -8.97 10.67 -23.44
C SER B 42 -7.65 11.31 -23.03
N MET B 43 -7.64 12.64 -22.89
CA MET B 43 -6.40 13.31 -22.53
C MET B 43 -5.91 12.83 -21.18
N VAL B 44 -6.83 12.65 -20.22
CA VAL B 44 -6.45 12.20 -18.89
C VAL B 44 -5.85 10.80 -18.95
N HIS B 45 -6.58 9.87 -19.55
CA HIS B 45 -6.09 8.50 -19.61
C HIS B 45 -4.81 8.42 -20.44
N SER B 46 -4.78 9.15 -21.56
CA SER B 46 -3.61 9.11 -22.44
C SER B 46 -2.34 9.55 -21.70
N LEU B 47 -2.45 10.62 -20.89
CA LEU B 47 -1.28 11.09 -20.16
C LEU B 47 -0.86 10.11 -19.07
N ILE B 48 -1.85 9.54 -18.36
CA ILE B 48 -1.56 8.53 -17.35
C ILE B 48 -0.84 7.35 -18.00
N GLU B 49 -1.31 6.95 -19.17
CA GLU B 49 -0.71 5.83 -19.89
C GLU B 49 0.70 6.18 -20.37
N ALA B 50 0.91 7.42 -20.82
CA ALA B 50 2.23 7.80 -21.30
C ALA B 50 3.28 7.75 -20.18
N TYR B 51 2.87 8.01 -18.94
CA TYR B 51 3.75 7.86 -17.79
C TYR B 51 3.82 6.43 -17.29
N ALA B 52 3.13 5.51 -17.97
CA ALA B 52 3.10 4.07 -17.65
C ALA B 52 2.45 3.78 -16.30
N LEU B 53 1.64 4.71 -15.79
CA LEU B 53 1.07 4.51 -14.47
C LEU B 53 0.04 3.38 -14.46
N HIS B 54 -0.61 3.13 -15.60
CA HIS B 54 -1.63 2.08 -15.64
C HIS B 54 -1.04 0.71 -15.40
N LYS B 55 0.24 0.51 -15.73
CA LYS B 55 0.90 -0.76 -15.49
C LYS B 55 1.08 -1.05 -14.02
N GLN B 56 1.02 -0.03 -13.17
CA GLN B 56 1.12 -0.19 -11.74
C GLN B 56 -0.24 -0.25 -11.06
N MET B 57 -1.32 -0.31 -11.82
CA MET B 57 -2.66 -0.34 -11.25
C MET B 57 -3.43 -1.54 -11.77
N ARG B 58 -4.52 -1.86 -11.08
CA ARG B 58 -5.39 -2.95 -11.50
C ARG B 58 -6.51 -2.35 -12.34
N ILE B 59 -6.45 -2.58 -13.65
CA ILE B 59 -7.40 -1.99 -14.59
C ILE B 59 -8.70 -2.78 -14.53
N VAL B 60 -9.80 -2.10 -14.21
CA VAL B 60 -11.11 -2.72 -14.09
C VAL B 60 -12.07 -2.04 -15.08
N LYS B 61 -12.68 -2.84 -15.94
CA LYS B 61 -13.70 -2.35 -16.85
C LYS B 61 -14.95 -1.94 -16.05
N PRO B 62 -15.48 -0.74 -16.24
CA PRO B 62 -16.70 -0.36 -15.52
C PRO B 62 -17.91 -1.08 -16.06
N LYS B 63 -18.83 -1.40 -15.15
CA LYS B 63 -20.15 -1.87 -15.50
C LYS B 63 -21.06 -0.67 -15.77
N VAL B 64 -22.06 -0.86 -16.62
CA VAL B 64 -23.07 0.18 -16.84
C VAL B 64 -24.11 0.09 -15.73
N ALA B 65 -24.43 1.24 -15.11
CA ALA B 65 -25.44 1.25 -14.06
C ALA B 65 -26.81 0.83 -14.61
N SER B 66 -27.49 -0.02 -13.86
CA SER B 66 -28.84 -0.42 -14.20
C SER B 66 -29.82 0.62 -13.67
N MET B 67 -31.03 0.57 -14.24
CA MET B 67 -32.09 1.45 -13.78
C MET B 67 -32.29 1.32 -12.27
N GLU B 68 -32.25 0.09 -11.76
CA GLU B 68 -32.43 -0.15 -10.33
C GLU B 68 -31.29 0.47 -9.52
N GLU B 69 -30.05 0.35 -9.98
CA GLU B 69 -28.94 0.93 -9.23
C GLU B 69 -29.04 2.45 -9.23
N MET B 70 -29.39 3.04 -10.37
CA MET B 70 -29.51 4.50 -10.42
C MET B 70 -30.67 4.99 -9.56
N ALA B 71 -31.74 4.20 -9.44
CA ALA B 71 -32.88 4.64 -8.64
C ALA B 71 -32.64 4.47 -7.15
N THR B 72 -31.47 3.94 -6.73
CA THR B 72 -31.16 4.01 -5.31
C THR B 72 -31.07 5.44 -4.82
N PHE B 73 -30.79 6.39 -5.73
CA PHE B 73 -30.87 7.81 -5.42
C PHE B 73 -31.88 8.58 -6.26
N HIS B 74 -31.92 8.37 -7.57
CA HIS B 74 -32.74 9.20 -8.44
C HIS B 74 -34.15 8.63 -8.56
N THR B 75 -35.12 9.50 -8.82
CA THR B 75 -36.48 9.01 -8.96
C THR B 75 -36.64 8.33 -10.31
N ASP B 76 -37.53 7.34 -10.36
CA ASP B 76 -37.86 6.66 -11.61
C ASP B 76 -38.37 7.65 -12.66
N ALA B 77 -39.19 8.61 -12.25
CA ALA B 77 -39.71 9.58 -13.21
C ALA B 77 -38.59 10.39 -13.84
N TYR B 78 -37.59 10.77 -13.07
CA TYR B 78 -36.46 11.50 -13.65
C TYR B 78 -35.67 10.61 -14.60
N LEU B 79 -35.39 9.37 -14.20
CA LEU B 79 -34.57 8.49 -15.02
C LEU B 79 -35.28 8.13 -16.31
N GLN B 80 -36.58 7.89 -16.23
CA GLN B 80 -37.33 7.56 -17.44
C GLN B 80 -37.47 8.76 -18.35
N HIS B 81 -37.69 9.95 -17.81
CA HIS B 81 -37.69 11.13 -18.67
C HIS B 81 -36.33 11.33 -19.32
N LEU B 82 -35.25 11.20 -18.56
CA LEU B 82 -33.92 11.41 -19.11
C LEU B 82 -33.63 10.40 -20.21
N GLN B 83 -34.01 9.15 -19.98
CA GLN B 83 -33.80 8.13 -21.00
C GLN B 83 -34.62 8.43 -22.24
N LYS B 84 -35.83 8.98 -22.05
CA LYS B 84 -36.71 9.27 -23.19
C LYS B 84 -36.13 10.38 -24.06
N VAL B 85 -35.73 11.51 -23.46
CA VAL B 85 -35.22 12.60 -24.28
C VAL B 85 -33.83 12.31 -24.82
N SER B 86 -33.15 11.32 -24.26
CA SER B 86 -31.81 10.95 -24.69
C SER B 86 -31.80 10.20 -26.03
N GLN B 87 -32.89 9.49 -26.36
CA GLN B 87 -32.90 8.61 -27.54
C GLN B 87 -32.54 9.39 -28.79
N GLU B 88 -33.16 10.54 -28.99
CA GLU B 88 -32.87 11.38 -30.15
C GLU B 88 -32.33 12.75 -29.79
N GLY B 89 -32.04 13.01 -28.52
CA GLY B 89 -31.60 14.33 -28.11
C GLY B 89 -32.69 15.37 -28.25
N ASP B 90 -33.87 15.10 -27.70
CA ASP B 90 -34.98 16.06 -27.68
C ASP B 90 -34.69 17.13 -26.64
N ASP B 91 -34.23 18.30 -27.09
CA ASP B 91 -33.87 19.41 -26.23
C ASP B 91 -34.98 20.44 -26.11
N ASP B 92 -36.18 20.12 -26.57
CA ASP B 92 -37.31 21.04 -26.46
C ASP B 92 -38.55 20.28 -25.98
N HIS B 93 -38.37 19.35 -25.07
CA HIS B 93 -39.50 18.61 -24.51
C HIS B 93 -40.15 19.42 -23.39
N PRO B 94 -41.47 19.61 -23.42
CA PRO B 94 -42.14 20.47 -22.42
C PRO B 94 -41.94 20.03 -20.99
N ASP B 95 -41.83 18.73 -20.72
CA ASP B 95 -41.58 18.21 -19.37
C ASP B 95 -40.16 18.44 -18.86
N SER B 96 -39.20 18.84 -19.72
CA SER B 96 -37.83 18.96 -19.21
C SER B 96 -37.67 20.05 -18.16
N ILE B 97 -38.59 21.02 -18.11
CA ILE B 97 -38.55 22.02 -17.04
C ILE B 97 -38.67 21.38 -15.66
N GLU B 98 -39.45 20.30 -15.54
CA GLU B 98 -39.56 19.59 -14.26
C GLU B 98 -38.24 19.01 -13.77
N TYR B 99 -37.28 18.77 -14.67
CA TYR B 99 -36.15 17.91 -14.33
C TYR B 99 -34.80 18.61 -14.45
N GLY B 100 -34.78 19.93 -14.58
CA GLY B 100 -33.54 20.68 -14.63
C GLY B 100 -32.83 20.61 -15.96
N LEU B 101 -33.48 20.08 -16.98
CA LEU B 101 -32.89 19.94 -18.30
C LEU B 101 -33.20 21.20 -19.10
N GLY B 102 -32.17 21.88 -19.58
CA GLY B 102 -32.35 23.12 -20.30
C GLY B 102 -31.03 23.70 -20.73
N TYR B 103 -30.89 25.03 -20.60
CA TYR B 103 -29.72 25.70 -21.14
C TYR B 103 -28.43 25.18 -20.52
N ASP B 104 -28.40 25.08 -19.19
CA ASP B 104 -27.21 24.63 -18.49
C ASP B 104 -26.97 23.14 -18.70
N CYS B 105 -28.03 22.33 -18.65
CA CYS B 105 -27.94 20.88 -18.81
C CYS B 105 -28.82 20.43 -19.97
N PRO B 106 -28.34 20.57 -21.21
CA PRO B 106 -29.19 20.21 -22.36
C PRO B 106 -29.42 18.70 -22.47
N ALA B 107 -30.56 18.36 -23.07
CA ALA B 107 -30.90 16.96 -23.39
C ALA B 107 -30.28 16.57 -24.72
N THR B 108 -28.99 16.25 -24.68
CA THR B 108 -28.27 15.84 -25.89
C THR B 108 -28.36 14.33 -26.10
N GLU B 109 -28.29 13.91 -27.35
CA GLU B 109 -28.53 12.51 -27.70
C GLU B 109 -27.50 11.59 -27.03
N GLY B 110 -28.00 10.52 -26.39
CA GLY B 110 -27.13 9.60 -25.68
C GLY B 110 -26.74 10.01 -24.27
N ILE B 111 -27.23 11.15 -23.76
CA ILE B 111 -26.79 11.60 -22.43
C ILE B 111 -27.18 10.59 -21.35
N PHE B 112 -28.30 9.88 -21.54
CA PHE B 112 -28.68 8.88 -20.56
C PHE B 112 -27.67 7.73 -20.50
N ASP B 113 -27.17 7.31 -21.67
CA ASP B 113 -26.18 6.24 -21.68
C ASP B 113 -24.88 6.70 -21.05
N TYR B 114 -24.48 7.95 -21.33
CA TYR B 114 -23.29 8.49 -20.69
C TYR B 114 -23.48 8.58 -19.19
N ALA B 115 -24.67 9.01 -18.76
CA ALA B 115 -24.95 9.09 -17.33
C ALA B 115 -24.85 7.71 -16.68
N ALA B 116 -25.50 6.70 -17.28
CA ALA B 116 -25.44 5.35 -16.74
C ALA B 116 -24.01 4.79 -16.78
N ALA B 117 -23.23 5.15 -17.79
CA ALA B 117 -21.84 4.72 -17.80
C ALA B 117 -21.05 5.32 -16.63
N ILE B 118 -21.26 6.61 -16.34
CA ILE B 118 -20.48 7.23 -15.27
C ILE B 118 -20.93 6.73 -13.91
N GLY B 119 -22.25 6.60 -13.71
CA GLY B 119 -22.72 6.05 -12.46
C GLY B 119 -22.26 4.62 -12.26
N GLY B 120 -22.35 3.81 -13.31
CA GLY B 120 -21.86 2.44 -13.21
C GLY B 120 -20.38 2.39 -12.87
N ALA B 121 -19.61 3.34 -13.39
CA ALA B 121 -18.16 3.33 -13.14
C ALA B 121 -17.87 3.61 -11.67
N THR B 122 -18.53 4.60 -11.09
CA THR B 122 -18.32 4.91 -9.68
C THR B 122 -18.84 3.78 -8.78
N ILE B 123 -19.97 3.19 -9.16
CA ILE B 123 -20.50 2.05 -8.42
C ILE B 123 -19.53 0.87 -8.49
N THR B 124 -18.96 0.61 -9.67
CA THR B 124 -17.96 -0.44 -9.79
C THR B 124 -16.76 -0.16 -8.90
N ALA B 125 -16.30 1.09 -8.88
CA ALA B 125 -15.20 1.44 -7.98
C ALA B 125 -15.58 1.13 -6.54
N ALA B 126 -16.79 1.52 -6.13
CA ALA B 126 -17.27 1.23 -4.79
C ALA B 126 -17.29 -0.27 -4.50
N GLN B 127 -17.81 -1.06 -5.44
CA GLN B 127 -17.87 -2.51 -5.25
C GLN B 127 -16.48 -3.09 -5.06
N CYS B 128 -15.49 -2.62 -5.83
CA CYS B 128 -14.12 -3.12 -5.65
C CYS B 128 -13.63 -2.86 -4.23
N LEU B 129 -13.99 -1.71 -3.66
CA LEU B 129 -13.57 -1.40 -2.30
C LEU B 129 -14.29 -2.31 -1.30
N ILE B 130 -15.60 -2.51 -1.49
CA ILE B 130 -16.38 -3.38 -0.64
C ILE B 130 -15.81 -4.79 -0.66
N ASP B 131 -15.43 -5.27 -1.83
CA ASP B 131 -14.91 -6.62 -1.98
C ASP B 131 -13.48 -6.77 -1.47
N GLY B 132 -12.86 -5.71 -0.94
CA GLY B 132 -11.49 -5.84 -0.47
C GLY B 132 -10.46 -5.99 -1.58
N MET B 133 -10.86 -5.77 -2.82
CA MET B 133 -9.96 -5.87 -3.97
C MET B 133 -8.84 -4.84 -3.90
N CYS B 134 -9.05 -3.72 -3.22
CA CYS B 134 -8.10 -2.62 -3.20
C CYS B 134 -8.47 -1.76 -2.00
N LYS B 135 -7.58 -0.83 -1.65
CA LYS B 135 -7.88 0.22 -0.70
C LYS B 135 -8.10 1.58 -1.37
N VAL B 136 -7.75 1.71 -2.65
CA VAL B 136 -8.01 2.92 -3.44
C VAL B 136 -8.57 2.49 -4.79
N ALA B 137 -9.62 3.16 -5.24
CA ALA B 137 -10.23 2.91 -6.54
C ALA B 137 -10.51 4.25 -7.22
N ILE B 138 -10.18 4.35 -8.51
CA ILE B 138 -10.13 5.63 -9.20
C ILE B 138 -11.10 5.64 -10.37
N ASN B 139 -11.97 6.66 -10.40
CA ASN B 139 -12.83 6.96 -11.56
C ASN B 139 -12.70 8.46 -11.81
N TRP B 140 -11.69 8.83 -12.60
CA TRP B 140 -11.45 10.26 -12.89
C TRP B 140 -12.59 10.90 -13.69
N SER B 141 -13.40 10.11 -14.38
CA SER B 141 -14.51 10.71 -15.12
C SER B 141 -15.78 10.86 -14.28
N GLY B 142 -15.76 10.48 -13.00
CA GLY B 142 -16.89 10.69 -12.12
C GLY B 142 -16.77 12.01 -11.36
N GLY B 143 -17.63 12.18 -10.36
CA GLY B 143 -17.60 13.35 -9.51
C GLY B 143 -18.65 14.39 -9.83
N TRP B 144 -19.77 13.97 -10.42
CA TRP B 144 -20.86 14.85 -10.85
C TRP B 144 -21.71 15.26 -9.66
N HIS B 145 -21.13 16.12 -8.82
CA HIS B 145 -21.63 16.34 -7.46
C HIS B 145 -22.84 17.27 -7.35
N HIS B 146 -23.34 17.88 -8.44
CA HIS B 146 -24.49 18.79 -8.33
C HIS B 146 -25.85 18.10 -8.52
N ALA B 147 -25.92 16.93 -9.14
CA ALA B 147 -27.22 16.40 -9.54
C ALA B 147 -28.05 16.07 -8.29
N LYS B 148 -29.35 16.33 -8.38
CA LYS B 148 -30.29 16.04 -7.29
C LYS B 148 -31.11 14.82 -7.67
N LYS B 149 -31.93 14.35 -6.72
CA LYS B 149 -32.62 13.10 -6.97
C LYS B 149 -33.54 13.16 -8.19
N ASP B 150 -34.10 14.33 -8.50
CA ASP B 150 -35.04 14.42 -9.62
C ASP B 150 -34.70 15.59 -10.54
N GLU B 151 -33.44 16.02 -10.57
CA GLU B 151 -33.06 17.19 -11.34
C GLU B 151 -31.60 17.13 -11.74
N ALA B 152 -31.34 17.31 -13.02
CA ALA B 152 -29.99 17.60 -13.50
C ALA B 152 -29.56 19.01 -13.07
N SER B 153 -28.27 19.19 -12.84
CA SER B 153 -27.81 20.48 -12.34
C SER B 153 -26.32 20.64 -12.59
N GLY B 154 -25.93 21.85 -13.00
CA GLY B 154 -24.51 22.17 -13.08
C GLY B 154 -23.70 21.22 -13.93
N PHE B 155 -24.20 20.90 -15.11
CA PHE B 155 -23.63 19.96 -16.07
C PHE B 155 -23.68 18.52 -15.57
N CYS B 156 -24.34 18.26 -14.44
CA CYS B 156 -24.44 16.91 -13.87
C CYS B 156 -25.83 16.33 -14.09
N TYR B 157 -25.89 15.17 -14.73
CA TYR B 157 -27.14 14.50 -15.04
C TYR B 157 -27.44 13.36 -14.08
N LEU B 158 -26.45 12.90 -13.33
CA LEU B 158 -26.60 11.78 -12.43
C LEU B 158 -25.55 11.97 -11.35
N ASN B 159 -25.93 11.73 -10.11
CA ASN B 159 -25.01 12.02 -9.01
C ASN B 159 -24.29 10.72 -8.68
N ASP B 160 -23.22 10.45 -9.42
CA ASP B 160 -22.49 9.21 -9.23
C ASP B 160 -21.80 9.16 -7.87
N ALA B 161 -21.41 10.29 -7.32
CA ALA B 161 -20.83 10.30 -5.98
C ALA B 161 -21.83 9.77 -4.94
N VAL B 162 -23.06 10.27 -4.97
CA VAL B 162 -24.09 9.74 -4.06
C VAL B 162 -24.27 8.25 -4.28
N LEU B 163 -24.37 7.83 -5.55
CA LEU B 163 -24.55 6.40 -5.83
C LEU B 163 -23.37 5.60 -5.31
N GLY B 164 -22.15 6.12 -5.48
CA GLY B 164 -20.97 5.46 -4.92
C GLY B 164 -21.02 5.37 -3.40
N ILE B 165 -21.38 6.46 -2.74
CA ILE B 165 -21.49 6.46 -1.28
C ILE B 165 -22.51 5.43 -0.82
N LEU B 166 -23.70 5.43 -1.45
CA LEU B 166 -24.72 4.45 -1.09
C LEU B 166 -24.25 3.02 -1.28
N ARG B 167 -23.47 2.76 -2.34
CA ARG B 167 -22.94 1.40 -2.49
C ARG B 167 -21.98 1.08 -1.36
N LEU B 168 -21.11 2.04 -0.98
CA LEU B 168 -20.17 1.80 0.11
C LEU B 168 -20.87 1.50 1.41
N ARG B 169 -22.01 2.15 1.66
CA ARG B 169 -22.73 1.95 2.91
C ARG B 169 -23.24 0.52 3.09
N ARG B 170 -23.25 -0.30 2.03
CA ARG B 170 -23.51 -1.73 2.22
C ARG B 170 -22.51 -2.36 3.16
N LYS B 171 -21.27 -1.84 3.19
CA LYS B 171 -20.21 -2.45 3.97
C LYS B 171 -19.64 -1.56 5.05
N PHE B 172 -19.56 -0.26 4.82
CA PHE B 172 -18.88 0.66 5.73
C PHE B 172 -19.91 1.49 6.47
N GLU B 173 -19.79 1.54 7.79
CA GLU B 173 -20.83 2.14 8.63
C GLU B 173 -20.85 3.66 8.55
N ARG B 174 -19.69 4.30 8.31
CA ARG B 174 -19.64 5.75 8.25
C ARG B 174 -18.74 6.15 7.08
N ILE B 175 -19.28 7.02 6.22
CA ILE B 175 -18.59 7.50 5.02
C ILE B 175 -18.32 8.98 5.18
N LEU B 176 -17.08 9.37 4.96
CA LEU B 176 -16.68 10.77 4.83
C LEU B 176 -16.56 11.11 3.34
N TYR B 177 -17.35 12.08 2.89
CA TYR B 177 -17.24 12.63 1.54
C TYR B 177 -16.44 13.94 1.61
N VAL B 178 -15.35 14.04 0.84
CA VAL B 178 -14.54 15.26 0.81
C VAL B 178 -14.53 15.80 -0.62
N ASP B 179 -14.89 17.06 -0.76
CA ASP B 179 -15.17 17.68 -2.05
C ASP B 179 -14.21 18.87 -2.21
N LEU B 180 -13.16 18.70 -3.02
CA LEU B 180 -12.20 19.78 -3.22
C LEU B 180 -12.38 20.51 -4.54
N ASP B 181 -13.46 20.21 -5.26
CA ASP B 181 -13.86 20.99 -6.42
C ASP B 181 -13.94 22.48 -6.07
N LEU B 182 -13.77 23.35 -7.07
CA LEU B 182 -13.97 24.78 -6.85
C LEU B 182 -15.39 25.07 -6.35
N HIS B 183 -16.38 24.27 -6.75
CA HIS B 183 -17.78 24.56 -6.47
C HIS B 183 -18.28 23.74 -5.28
N HIS B 184 -19.30 24.27 -4.62
CA HIS B 184 -19.90 23.57 -3.48
C HIS B 184 -20.53 22.24 -3.93
N GLY B 185 -20.26 21.17 -3.17
CA GLY B 185 -20.86 19.87 -3.46
C GLY B 185 -22.29 19.73 -2.97
N ASP B 186 -23.20 20.51 -3.55
CA ASP B 186 -24.52 20.68 -2.94
C ASP B 186 -25.40 19.45 -3.12
N GLY B 187 -25.33 18.82 -4.29
CA GLY B 187 -26.13 17.62 -4.52
C GLY B 187 -25.77 16.53 -3.52
N VAL B 188 -24.48 16.34 -3.26
CA VAL B 188 -24.09 15.29 -2.33
C VAL B 188 -24.47 15.68 -0.90
N GLU B 189 -24.24 16.94 -0.52
CA GLU B 189 -24.59 17.35 0.84
C GLU B 189 -26.10 17.25 1.08
N ASP B 190 -26.89 17.63 0.08
CA ASP B 190 -28.35 17.55 0.23
C ASP B 190 -28.80 16.10 0.42
N ALA B 191 -28.23 15.18 -0.37
CA ALA B 191 -28.64 13.77 -0.29
C ALA B 191 -28.48 13.22 1.12
N PHE B 192 -27.46 13.68 1.85
CA PHE B 192 -27.10 13.11 3.14
C PHE B 192 -27.26 14.12 4.25
N SER B 193 -27.99 15.20 3.98
CA SER B 193 -28.16 16.28 4.94
C SER B 193 -28.78 15.79 6.25
N PHE B 194 -29.70 14.82 6.19
CA PHE B 194 -30.39 14.37 7.40
C PHE B 194 -29.80 13.11 8.05
N THR B 195 -28.59 12.69 7.67
CA THR B 195 -28.02 11.49 8.31
C THR B 195 -26.65 11.79 8.91
N SER B 196 -26.39 11.18 10.08
CA SER B 196 -25.08 11.24 10.70
C SER B 196 -24.13 10.16 10.18
N LYS B 197 -24.61 9.28 9.29
CA LYS B 197 -23.83 8.16 8.80
C LYS B 197 -22.93 8.54 7.63
N VAL B 198 -23.21 9.66 6.97
CA VAL B 198 -22.36 10.17 5.91
C VAL B 198 -22.07 11.63 6.25
N MET B 199 -20.81 11.97 6.43
CA MET B 199 -20.44 13.36 6.65
C MET B 199 -19.87 13.93 5.37
N THR B 200 -20.32 15.11 4.99
CA THR B 200 -19.82 15.77 3.80
C THR B 200 -18.97 16.97 4.21
N VAL B 201 -17.81 17.09 3.58
CA VAL B 201 -16.90 18.22 3.76
C VAL B 201 -16.63 18.82 2.38
N SER B 202 -16.95 20.11 2.22
CA SER B 202 -16.68 20.81 0.97
C SER B 202 -15.91 22.10 1.20
N LEU B 203 -14.78 22.24 0.51
CA LEU B 203 -14.07 23.50 0.37
C LEU B 203 -14.40 24.07 -1.00
N HIS B 204 -14.83 25.33 -1.05
CA HIS B 204 -15.30 25.87 -2.31
C HIS B 204 -15.29 27.39 -2.25
N LYS B 205 -15.36 27.99 -3.42
CA LYS B 205 -15.62 29.43 -3.51
C LYS B 205 -17.05 29.71 -3.08
N PHE B 206 -17.24 30.73 -2.24
CA PHE B 206 -18.55 31.15 -1.76
C PHE B 206 -18.62 32.66 -1.88
N SER B 207 -19.44 33.17 -2.80
CA SER B 207 -19.49 34.59 -3.12
C SER B 207 -20.83 34.91 -3.77
N PRO B 208 -21.37 36.10 -3.56
CA PRO B 208 -22.65 36.46 -4.18
C PRO B 208 -22.63 36.23 -5.69
N GLY B 209 -23.62 35.50 -6.17
CA GLY B 209 -23.67 35.23 -7.59
C GLY B 209 -22.76 34.13 -8.08
N PHE B 210 -22.06 33.41 -7.21
CA PHE B 210 -21.24 32.30 -7.64
C PHE B 210 -21.99 30.98 -7.42
N PHE B 211 -22.19 30.22 -8.50
CA PHE B 211 -22.89 28.93 -8.48
C PHE B 211 -22.24 27.91 -7.53
N PRO B 212 -23.07 27.10 -6.83
CA PRO B 212 -24.54 27.09 -6.83
C PRO B 212 -25.14 27.96 -5.74
N GLY B 213 -24.33 28.86 -5.17
CA GLY B 213 -24.82 29.79 -4.17
C GLY B 213 -25.03 29.24 -2.78
N THR B 214 -24.66 27.98 -2.53
CA THR B 214 -24.93 27.34 -1.25
C THR B 214 -23.62 26.99 -0.57
N GLY B 215 -23.74 26.43 0.63
CA GLY B 215 -22.56 25.97 1.35
C GLY B 215 -21.89 27.06 2.15
N ASP B 216 -22.64 27.83 2.93
CA ASP B 216 -22.03 28.69 3.92
C ASP B 216 -21.53 27.85 5.11
N VAL B 217 -20.63 28.44 5.90
CA VAL B 217 -20.05 27.70 7.02
C VAL B 217 -21.10 27.41 8.08
N SER B 218 -22.21 28.14 8.08
CA SER B 218 -23.31 27.90 8.99
C SER B 218 -24.35 26.92 8.44
N ASP B 219 -24.12 26.34 7.26
CA ASP B 219 -24.90 25.17 6.82
C ASP B 219 -24.21 23.93 7.38
N VAL B 220 -24.85 23.29 8.36
CA VAL B 220 -24.25 22.23 9.15
C VAL B 220 -25.01 20.91 9.05
N GLY B 221 -26.02 20.85 8.19
CA GLY B 221 -26.90 19.69 8.14
C GLY B 221 -28.11 19.86 9.05
N LEU B 222 -29.01 18.87 8.98
CA LEU B 222 -30.35 19.01 9.54
C LEU B 222 -30.74 17.75 10.29
N GLY B 223 -31.53 17.93 11.35
CA GLY B 223 -32.10 16.79 12.06
C GLY B 223 -31.04 15.85 12.60
N LYS B 224 -31.17 14.56 12.29
CA LYS B 224 -30.14 13.62 12.77
C LYS B 224 -28.79 13.88 12.11
N GLY B 225 -28.74 14.57 10.99
CA GLY B 225 -27.49 14.94 10.34
C GLY B 225 -26.93 16.28 10.77
N ARG B 226 -27.50 16.88 11.80
CA ARG B 226 -27.06 18.20 12.21
C ARG B 226 -25.64 18.12 12.74
N TYR B 227 -24.75 18.93 12.16
CA TYR B 227 -23.31 19.02 12.36
C TYR B 227 -22.53 17.98 11.56
N TYR B 228 -23.18 17.17 10.71
CA TYR B 228 -22.48 16.23 9.85
C TYR B 228 -22.38 16.73 8.42
N SER B 229 -22.66 18.02 8.20
CA SER B 229 -22.28 18.71 6.98
C SER B 229 -21.29 19.80 7.37
N VAL B 230 -20.18 19.88 6.64
CA VAL B 230 -19.13 20.84 6.91
C VAL B 230 -18.80 21.59 5.63
N ASN B 231 -18.83 22.92 5.71
CA ASN B 231 -18.59 23.76 4.55
C ASN B 231 -17.53 24.78 4.90
N VAL B 232 -16.59 24.94 3.97
CA VAL B 232 -15.47 25.86 4.15
C VAL B 232 -15.49 26.89 3.02
N PRO B 233 -16.09 28.05 3.24
CA PRO B 233 -16.15 29.07 2.19
C PRO B 233 -14.81 29.77 2.06
N ILE B 234 -14.31 29.87 0.81
CA ILE B 234 -13.01 30.43 0.49
C ILE B 234 -13.18 31.50 -0.59
N GLN B 235 -12.31 32.51 -0.58
CA GLN B 235 -12.37 33.59 -1.56
C GLN B 235 -11.32 33.40 -2.65
N ASP B 236 -11.45 34.22 -3.69
CA ASP B 236 -10.56 34.16 -4.86
C ASP B 236 -9.09 34.20 -4.45
N GLY B 237 -8.29 33.51 -5.23
CA GLY B 237 -6.85 33.71 -5.22
C GLY B 237 -6.08 32.89 -4.23
N ILE B 238 -6.72 31.93 -3.56
CA ILE B 238 -5.99 31.12 -2.59
C ILE B 238 -4.96 30.27 -3.31
N GLN B 239 -3.81 30.07 -2.65
CA GLN B 239 -2.72 29.28 -3.20
C GLN B 239 -2.44 28.08 -2.29
N ASP B 240 -1.48 27.27 -2.75
CA ASP B 240 -1.29 25.90 -2.23
C ASP B 240 -1.15 25.87 -0.71
N GLU B 241 -0.24 26.68 -0.17
CA GLU B 241 0.11 26.56 1.25
C GLU B 241 -1.08 26.88 2.14
N LYS B 242 -1.73 28.02 1.89
CA LYS B 242 -2.89 28.39 2.72
C LYS B 242 -4.03 27.40 2.56
N TYR B 243 -4.26 26.91 1.35
CA TYR B 243 -5.33 25.93 1.13
C TYR B 243 -5.09 24.66 1.93
N TYR B 244 -3.86 24.15 1.89
CA TYR B 244 -3.56 22.93 2.61
C TYR B 244 -3.67 23.13 4.12
N GLN B 245 -3.26 24.30 4.62
CA GLN B 245 -3.41 24.58 6.05
C GLN B 245 -4.87 24.54 6.44
N ILE B 246 -5.73 25.22 5.67
CA ILE B 246 -7.16 25.14 5.91
C ILE B 246 -7.60 23.69 5.88
N CYS B 247 -7.25 22.98 4.80
CA CYS B 247 -7.77 21.64 4.59
C CYS B 247 -7.34 20.68 5.69
N GLU B 248 -6.05 20.73 6.07
CA GLU B 248 -5.56 19.87 7.14
C GLU B 248 -6.21 20.22 8.48
N SER B 249 -6.36 21.52 8.79
CA SER B 249 -6.99 21.91 10.04
C SER B 249 -8.41 21.34 10.14
N VAL B 250 -9.21 21.49 9.08
CA VAL B 250 -10.56 20.94 9.07
C VAL B 250 -10.52 19.41 9.14
N LEU B 251 -9.73 18.79 8.27
CA LEU B 251 -9.81 17.33 8.14
C LEU B 251 -9.29 16.63 9.38
N LYS B 252 -8.26 17.19 10.01
CA LYS B 252 -7.79 16.67 11.30
C LYS B 252 -8.94 16.59 12.31
N GLU B 253 -9.71 17.68 12.45
CA GLU B 253 -10.80 17.67 13.42
C GLU B 253 -11.90 16.71 13.02
N VAL B 254 -12.23 16.68 11.72
CA VAL B 254 -13.26 15.77 11.22
C VAL B 254 -12.89 14.33 11.52
N TYR B 255 -11.63 13.98 11.25
CA TYR B 255 -11.19 12.60 11.44
C TYR B 255 -11.34 12.16 12.88
N GLN B 256 -10.90 12.99 13.83
CA GLN B 256 -11.01 12.63 15.24
C GLN B 256 -12.46 12.51 15.68
N ALA B 257 -13.32 13.45 15.28
CA ALA B 257 -14.70 13.47 15.76
C ALA B 257 -15.57 12.40 15.10
N PHE B 258 -15.39 12.19 13.79
CA PHE B 258 -16.31 11.39 13.02
C PHE B 258 -15.86 9.93 12.90
N ASN B 259 -14.55 9.68 12.92
CA ASN B 259 -14.00 8.34 12.82
CA ASN B 259 -14.00 8.34 12.82
C ASN B 259 -14.55 7.62 11.59
N PRO B 260 -14.29 8.14 10.39
CA PRO B 260 -14.84 7.50 9.18
C PRO B 260 -14.31 6.09 8.96
N LYS B 261 -15.13 5.26 8.32
CA LYS B 261 -14.70 3.93 7.91
C LYS B 261 -14.33 3.86 6.42
N ALA B 262 -14.72 4.86 5.64
CA ALA B 262 -14.38 4.91 4.23
C ALA B 262 -14.55 6.36 3.78
N VAL B 263 -13.89 6.69 2.67
CA VAL B 263 -13.78 8.06 2.17
C VAL B 263 -14.15 8.08 0.69
N VAL B 264 -14.95 9.06 0.29
CA VAL B 264 -15.12 9.41 -1.13
C VAL B 264 -14.57 10.80 -1.32
N LEU B 265 -13.67 10.95 -2.29
CA LEU B 265 -12.88 12.17 -2.43
C LEU B 265 -13.07 12.71 -3.84
N GLN B 266 -13.66 13.90 -3.94
CA GLN B 266 -13.92 14.58 -5.20
C GLN B 266 -12.81 15.60 -5.44
N LEU B 267 -12.12 15.49 -6.57
CA LEU B 267 -10.93 16.28 -6.80
C LEU B 267 -11.04 17.13 -8.07
N GLY B 268 -12.17 17.81 -8.26
CA GLY B 268 -12.39 18.66 -9.43
C GLY B 268 -11.24 19.62 -9.63
N ALA B 269 -10.74 19.75 -10.86
CA ALA B 269 -9.51 20.50 -11.11
C ALA B 269 -9.77 21.95 -11.52
N ASP B 270 -10.98 22.48 -11.29
CA ASP B 270 -11.22 23.88 -11.59
C ASP B 270 -10.69 24.81 -10.51
N THR B 271 -10.02 24.28 -9.49
CA THR B 271 -9.24 25.08 -8.56
C THR B 271 -7.87 25.45 -9.13
N ILE B 272 -7.45 24.81 -10.21
CA ILE B 272 -6.05 24.88 -10.62
C ILE B 272 -5.82 26.15 -11.42
N SER B 273 -4.73 26.85 -11.09
CA SER B 273 -4.34 28.06 -11.80
C SER B 273 -4.37 27.83 -13.31
N GLY B 274 -4.94 28.78 -14.03
CA GLY B 274 -5.12 28.62 -15.46
C GLY B 274 -6.47 28.10 -15.91
N ASP B 275 -7.38 27.74 -15.00
CA ASP B 275 -8.71 27.36 -15.43
C ASP B 275 -9.46 28.61 -15.90
N ARG B 276 -10.20 28.49 -17.01
CA ARG B 276 -10.95 29.64 -17.52
C ARG B 276 -11.90 30.25 -16.49
N LEU B 277 -12.35 29.48 -15.50
CA LEU B 277 -13.11 30.08 -14.39
C LEU B 277 -12.25 31.07 -13.60
N GLY B 278 -10.98 30.73 -13.36
CA GLY B 278 -10.00 31.69 -12.87
C GLY B 278 -10.23 32.23 -11.47
N CYS B 279 -10.73 31.39 -10.55
CA CYS B 279 -11.02 31.89 -9.21
C CYS B 279 -9.90 31.61 -8.24
N PHE B 280 -9.53 30.34 -8.05
CA PHE B 280 -8.45 29.96 -7.15
C PHE B 280 -7.12 29.94 -7.90
N ASN B 281 -6.02 29.90 -7.13
CA ASN B 281 -4.68 29.93 -7.70
C ASN B 281 -3.86 28.72 -7.28
N MET B 282 -4.44 27.52 -7.36
CA MET B 282 -3.85 26.28 -6.86
C MET B 282 -2.97 25.61 -7.91
N THR B 283 -2.08 24.73 -7.45
CA THR B 283 -1.43 23.78 -8.36
C THR B 283 -1.69 22.35 -7.90
N PRO B 284 -1.37 21.33 -8.70
CA PRO B 284 -1.62 19.95 -8.23
C PRO B 284 -0.81 19.57 -7.00
N VAL B 285 0.32 20.25 -6.73
CA VAL B 285 1.09 19.92 -5.54
C VAL B 285 0.25 20.20 -4.29
N GLY B 286 -0.42 21.35 -4.23
CA GLY B 286 -1.24 21.66 -3.07
C GLY B 286 -2.39 20.68 -2.89
N ILE B 287 -3.09 20.37 -3.99
CA ILE B 287 -4.13 19.35 -3.90
C ILE B 287 -3.52 18.02 -3.47
N GLY B 288 -2.33 17.72 -3.99
CA GLY B 288 -1.67 16.45 -3.65
C GLY B 288 -1.37 16.31 -2.17
N LYS B 289 -1.05 17.42 -1.49
CA LYS B 289 -0.86 17.37 -0.05
C LYS B 289 -2.16 17.01 0.68
N CYS B 290 -3.29 17.58 0.25
CA CYS B 290 -4.57 17.19 0.85
C CYS B 290 -4.83 15.71 0.63
N LEU B 291 -4.58 15.24 -0.59
CA LEU B 291 -4.79 13.83 -0.90
C LEU B 291 -3.90 12.95 -0.01
N LYS B 292 -2.62 13.33 0.14
CA LYS B 292 -1.70 12.54 0.95
C LYS B 292 -2.18 12.44 2.38
N TYR B 293 -2.65 13.56 2.93
CA TYR B 293 -3.19 13.55 4.29
C TYR B 293 -4.36 12.56 4.41
N ILE B 294 -5.21 12.49 3.38
CA ILE B 294 -6.33 11.57 3.44
C ILE B 294 -5.84 10.13 3.29
N LEU B 295 -4.86 9.90 2.39
CA LEU B 295 -4.39 8.54 2.17
C LEU B 295 -3.66 7.99 3.39
N GLN B 296 -3.01 8.85 4.19
CA GLN B 296 -2.39 8.39 5.43
C GLN B 296 -3.38 7.71 6.37
N TRP B 297 -4.67 8.02 6.28
CA TRP B 297 -5.65 7.31 7.09
C TRP B 297 -5.75 5.83 6.72
N GLN B 298 -5.38 5.45 5.50
CA GLN B 298 -5.43 4.06 5.06
C GLN B 298 -6.83 3.46 5.18
N LEU B 299 -7.83 4.26 4.83
CA LEU B 299 -9.19 3.76 4.69
C LEU B 299 -9.50 3.51 3.22
N ALA B 300 -10.42 2.59 2.98
CA ALA B 300 -11.01 2.44 1.66
C ALA B 300 -11.43 3.81 1.13
N THR B 301 -10.91 4.16 -0.06
CA THR B 301 -10.99 5.52 -0.57
C THR B 301 -11.41 5.47 -2.03
N LEU B 302 -12.54 6.13 -2.35
CA LEU B 302 -13.01 6.23 -3.73
C LEU B 302 -12.62 7.60 -4.27
N ILE B 303 -11.81 7.61 -5.33
CA ILE B 303 -11.27 8.83 -5.92
C ILE B 303 -12.06 9.21 -7.14
N LEU B 304 -12.49 10.47 -7.21
CA LEU B 304 -13.33 10.97 -8.30
C LEU B 304 -12.75 12.26 -8.88
N GLY B 305 -13.08 12.52 -10.14
CA GLY B 305 -12.73 13.79 -10.75
C GLY B 305 -13.81 14.83 -10.50
N GLY B 306 -14.16 15.56 -11.53
CA GLY B 306 -15.13 16.63 -11.39
C GLY B 306 -14.92 17.67 -12.49
N GLY B 307 -15.09 18.93 -12.11
CA GLY B 307 -14.81 20.03 -13.00
C GLY B 307 -13.34 20.11 -13.35
N GLY B 308 -13.05 21.06 -14.24
CA GLY B 308 -11.70 21.25 -14.76
C GLY B 308 -11.81 21.49 -16.26
N TYR B 309 -11.66 22.75 -16.66
CA TYR B 309 -12.01 23.16 -18.01
C TYR B 309 -10.81 23.60 -18.84
N ASN B 310 -9.65 23.76 -18.22
CA ASN B 310 -8.38 23.75 -18.92
C ASN B 310 -8.00 22.28 -19.03
N LEU B 311 -8.25 21.69 -20.21
CA LEU B 311 -8.17 20.24 -20.34
C LEU B 311 -6.75 19.71 -20.09
N ALA B 312 -5.74 20.32 -20.70
CA ALA B 312 -4.37 19.86 -20.45
C ALA B 312 -4.01 19.99 -18.98
N ASN B 313 -4.43 21.08 -18.33
CA ASN B 313 -4.10 21.26 -16.91
C ASN B 313 -4.79 20.23 -16.04
N THR B 314 -6.01 19.86 -16.42
CA THR B 314 -6.74 18.84 -15.69
C THR B 314 -6.04 17.49 -15.80
N ALA B 315 -5.63 17.12 -17.02
CA ALA B 315 -4.84 15.90 -17.19
C ALA B 315 -3.54 15.96 -16.40
N ARG B 316 -2.82 17.10 -16.50
CA ARG B 316 -1.64 17.33 -15.66
C ARG B 316 -1.91 17.04 -14.20
N CYS B 317 -2.99 17.65 -13.67
CA CYS B 317 -3.31 17.49 -12.26
C CYS B 317 -3.62 16.04 -11.91
N TRP B 318 -4.53 15.41 -12.64
CA TRP B 318 -4.96 14.07 -12.23
C TRP B 318 -3.89 13.02 -12.50
N THR B 319 -3.03 13.25 -13.50
CA THR B 319 -1.88 12.37 -13.68
C THR B 319 -0.93 12.47 -12.50
N TYR B 320 -0.61 13.69 -12.07
CA TYR B 320 0.19 13.89 -10.88
C TYR B 320 -0.43 13.23 -9.65
N LEU B 321 -1.75 13.43 -9.45
CA LEU B 321 -2.39 12.82 -8.28
C LEU B 321 -2.39 11.30 -8.36
N THR B 322 -2.48 10.72 -9.56
CA THR B 322 -2.31 9.28 -9.70
C THR B 322 -0.91 8.87 -9.27
N GLY B 323 0.10 9.65 -9.68
CA GLY B 323 1.44 9.47 -9.15
C GLY B 323 1.47 9.51 -7.64
N VAL B 324 0.77 10.47 -7.02
CA VAL B 324 0.74 10.53 -5.56
C VAL B 324 0.16 9.25 -4.98
N ILE B 325 -0.96 8.79 -5.55
CA ILE B 325 -1.59 7.57 -5.04
C ILE B 325 -0.61 6.41 -5.11
N LEU B 326 0.19 6.36 -6.16
CA LEU B 326 1.15 5.26 -6.33
C LEU B 326 2.48 5.51 -5.62
N GLY B 327 2.64 6.64 -4.93
CA GLY B 327 3.93 6.95 -4.33
C GLY B 327 5.06 7.12 -5.32
N LYS B 328 4.76 7.57 -6.54
CA LYS B 328 5.78 7.72 -7.57
C LYS B 328 6.06 9.19 -7.83
N THR B 329 7.34 9.52 -8.03
CA THR B 329 7.72 10.84 -8.50
C THR B 329 7.81 10.78 -10.02
N LEU B 330 7.15 11.72 -10.68
CA LEU B 330 7.00 11.67 -12.12
C LEU B 330 8.00 12.62 -12.77
N SER B 331 8.44 12.26 -13.97
CA SER B 331 9.37 13.11 -14.69
C SER B 331 8.70 14.44 -15.05
N SER B 332 9.47 15.52 -14.93
CA SER B 332 8.92 16.82 -15.26
C SER B 332 8.59 16.96 -16.76
N GLU B 333 9.32 16.26 -17.62
CA GLU B 333 9.05 16.29 -19.06
C GLU B 333 7.75 15.57 -19.37
N ILE B 334 6.84 16.21 -20.10
CA ILE B 334 5.62 15.57 -20.58
C ILE B 334 6.06 14.53 -21.60
N PRO B 335 5.78 13.26 -21.41
CA PRO B 335 6.19 12.27 -22.41
C PRO B 335 5.40 12.42 -23.70
N ASP B 336 6.07 12.15 -24.81
CA ASP B 336 5.40 12.18 -26.10
C ASP B 336 4.23 11.20 -26.11
N HIS B 337 3.10 11.64 -26.64
CA HIS B 337 1.88 10.83 -26.71
C HIS B 337 0.89 11.57 -27.61
N GLU B 338 -0.31 11.00 -27.74
CA GLU B 338 -1.26 11.48 -28.74
C GLU B 338 -1.52 12.98 -28.61
N PHE B 339 -1.57 13.48 -27.37
CA PHE B 339 -1.98 14.85 -27.14
C PHE B 339 -0.82 15.73 -26.70
N PHE B 340 0.41 15.35 -27.05
CA PHE B 340 1.58 16.10 -26.62
C PHE B 340 1.48 17.57 -27.00
N THR B 341 0.90 17.87 -28.16
CA THR B 341 0.83 19.26 -28.60
C THR B 341 -0.08 20.12 -27.73
N ALA B 342 -0.97 19.53 -26.94
CA ALA B 342 -1.80 20.34 -26.07
C ALA B 342 -1.06 20.88 -24.85
N TYR B 343 0.18 20.43 -24.62
CA TYR B 343 0.91 20.80 -23.41
C TYR B 343 1.94 21.90 -23.65
N GLY B 344 1.92 22.53 -24.81
CA GLY B 344 2.79 23.65 -25.09
C GLY B 344 2.41 24.88 -24.30
N PRO B 345 3.28 25.88 -24.26
CA PRO B 345 4.57 25.91 -24.95
C PRO B 345 5.74 25.27 -24.17
N ASP B 346 5.57 24.96 -22.89
CA ASP B 346 6.69 24.46 -22.09
C ASP B 346 6.73 22.94 -21.94
N TYR B 347 5.59 22.25 -22.11
CA TYR B 347 5.55 20.78 -22.16
C TYR B 347 6.09 20.16 -20.87
N VAL B 348 5.79 20.75 -19.73
CA VAL B 348 6.16 20.14 -18.47
C VAL B 348 4.91 19.85 -17.65
N LEU B 349 5.08 18.97 -16.64
CA LEU B 349 3.99 18.52 -15.79
C LEU B 349 3.60 19.55 -14.74
N GLU B 350 4.57 20.32 -14.26
CA GLU B 350 4.33 21.32 -13.23
C GLU B 350 3.49 22.47 -13.78
N ILE B 351 2.65 23.01 -12.92
CA ILE B 351 1.85 24.19 -13.24
C ILE B 351 2.33 25.34 -12.38
N THR B 352 2.40 26.54 -12.98
CA THR B 352 2.86 27.64 -12.15
C THR B 352 1.70 28.56 -11.77
N PRO B 353 1.64 29.01 -10.52
CA PRO B 353 0.54 29.88 -10.11
C PRO B 353 0.61 31.21 -10.84
N SER B 354 -0.54 31.86 -10.98
CA SER B 354 -0.58 33.20 -11.57
C SER B 354 -0.20 34.23 -10.52
N CYS B 355 -0.21 35.51 -10.92
CA CYS B 355 0.06 36.62 -10.02
C CYS B 355 -1.22 37.29 -9.53
N ARG B 356 -2.33 36.58 -9.52
CA ARG B 356 -3.55 37.16 -8.98
C ARG B 356 -3.42 37.32 -7.46
N PRO B 357 -4.07 38.31 -6.88
CA PRO B 357 -4.01 38.47 -5.42
C PRO B 357 -4.90 37.48 -4.69
N ASP B 358 -4.50 37.19 -3.46
CA ASP B 358 -5.24 36.31 -2.55
C ASP B 358 -6.17 37.16 -1.68
N ARG B 359 -7.48 37.03 -1.89
CA ARG B 359 -8.48 37.81 -1.17
C ARG B 359 -8.93 37.16 0.14
N ASN B 360 -8.19 36.17 0.63
CA ASN B 360 -8.55 35.50 1.87
C ASN B 360 -7.86 36.21 3.04
N GLU B 361 -8.63 36.99 3.78
CA GLU B 361 -8.11 37.64 4.98
C GLU B 361 -7.88 36.60 6.05
N PRO B 362 -6.71 36.59 6.71
CA PRO B 362 -6.47 35.57 7.74
C PRO B 362 -7.46 35.62 8.89
N HIS B 363 -7.97 36.80 9.26
CA HIS B 363 -8.94 36.87 10.34
C HIS B 363 -10.24 36.17 9.96
N ARG B 364 -10.68 36.31 8.70
CA ARG B 364 -11.89 35.62 8.27
C ARG B 364 -11.69 34.12 8.27
N ILE B 365 -10.51 33.65 7.83
CA ILE B 365 -10.24 32.21 7.79
C ILE B 365 -10.22 31.62 9.20
N GLN B 366 -9.55 32.29 10.14
CA GLN B 366 -9.54 31.81 11.52
C GLN B 366 -10.95 31.79 12.10
N GLN B 367 -11.74 32.81 11.78
CA GLN B 367 -13.14 32.85 12.18
C GLN B 367 -13.89 31.60 11.69
N ILE B 368 -13.66 31.20 10.43
CA ILE B 368 -14.37 30.06 9.86
C ILE B 368 -13.89 28.76 10.51
N LEU B 369 -12.58 28.61 10.65
CA LEU B 369 -12.04 27.39 11.25
C LEU B 369 -12.51 27.21 12.68
N ASN B 370 -12.51 28.29 13.47
CA ASN B 370 -12.97 28.19 14.86
C ASN B 370 -14.45 27.86 14.93
N TYR B 371 -15.24 28.44 14.06
CA TYR B 371 -16.65 28.06 13.99
C TYR B 371 -16.80 26.58 13.66
N ILE B 372 -16.01 26.09 12.71
CA ILE B 372 -16.10 24.67 12.34
C ILE B 372 -15.64 23.78 13.50
N LYS B 373 -14.54 24.15 14.16
CA LYS B 373 -14.12 23.39 15.34
C LYS B 373 -15.22 23.34 16.39
N GLY B 374 -15.95 24.45 16.58
CA GLY B 374 -17.06 24.44 17.51
C GLY B 374 -18.15 23.45 17.11
N ASN B 375 -18.43 23.36 15.81
CA ASN B 375 -19.48 22.47 15.37
C ASN B 375 -19.11 21.02 15.64
N LEU B 376 -17.84 20.67 15.40
CA LEU B 376 -17.41 19.29 15.46
C LEU B 376 -17.32 18.77 16.88
N LYS B 377 -17.28 19.65 17.90
CA LYS B 377 -17.37 19.19 19.28
C LYS B 377 -18.67 18.43 19.52
N HIS B 378 -19.72 18.73 18.77
CA HIS B 378 -20.99 18.03 18.95
C HIS B 378 -21.05 16.70 18.20
N VAL B 379 -20.07 16.42 17.35
CA VAL B 379 -20.05 15.17 16.61
C VAL B 379 -19.39 14.12 17.49
N VAL B 380 -20.05 12.98 17.65
CA VAL B 380 -19.52 11.90 18.47
C VAL B 380 -20.36 10.64 18.27
#